data_3NVI
#
_entry.id   3NVI
#
_cell.length_a   87.216
_cell.length_b   91.841
_cell.length_c   155.603
_cell.angle_alpha   90.00
_cell.angle_beta   90.00
_cell.angle_gamma   90.00
#
_symmetry.space_group_name_H-M   'P 21 21 21'
#
loop_
_entity.id
_entity.type
_entity.pdbx_description
1 polymer 'NOP5/NOP56 related protein'
2 polymer '50S ribosomal protein L7Ae'
3 polymer "RNA (5'-R(*CP*UP*CP*UP*GP*AP*CP*CP*GP*AP*AP*AP*GP*GP*CP*GP*UP*GP*AP*UP*GP*AP*GP*C)-3')"
4 water water
#
loop_
_entity_poly.entity_id
_entity_poly.type
_entity_poly.pdbx_seq_one_letter_code
_entity_poly.pdbx_strand_id
1 'polypeptide(L)'
;MHHHHHHVMIMKAFISENVRGIYAFDENGNLIEKRYFTDKPEKVLDQLLKGEITKDLEELLNSLKEKGYDEFVFEHPELS
RRAKELGFSATTEFPNIAGERLRSNPEEFLGENWFEEYYKVGVALTRMRIQEQSGARDKMVIQAIEALDDVDKVINLLVA
RLREWYSLHFPELDELLPKHPQYVAFVKTVGHRDNINEEVLRELGLSEEKIKKILEAKEKTMGAWMDQTDIEVVRQLAEE
IDRLYQLRKKLEDYIDRAMDDVAPNLKALVGAKLAARLISLAGGLRELAMMPSSTIQVLGAEKALFRHLRTGAKPPKHGV
IYQYPAINRSPWWQRGKIARALAGKLAIAARVDYFSGEYIAEELKKELEARIREIKEKY
;
A,C
2 'polypeptide(L)'
;MHHHHHHAKPSYVKFEVPKELAEKALQAVEIARDTGKIRKGTNETTKAVERGQAKLVIIAEDVDPEEIVAHLPPLCEEKE
IPYIYVPSKKELGAAAGIEVAAASVAIIEPGKARDLVEEIAMKVKELMK
;
B,D
3 'polyribonucleotide' CUCUGACCGAAAGGCGUGAUGAGC E,F
#
# COMPACT_ATOMS: atom_id res chain seq x y z
N GLN A 133 33.48 -2.83 -15.70
CA GLN A 133 32.16 -2.39 -16.15
C GLN A 133 31.03 -3.28 -15.66
N SER A 134 31.24 -4.60 -15.60
CA SER A 134 30.13 -5.48 -15.27
C SER A 134 29.04 -5.13 -16.28
N GLY A 135 28.09 -4.31 -15.85
CA GLY A 135 27.03 -3.84 -16.71
C GLY A 135 25.63 -4.19 -16.28
N ALA A 136 25.49 -4.96 -15.18
CA ALA A 136 24.19 -5.06 -14.54
C ALA A 136 24.02 -4.18 -13.27
N ARG A 137 25.06 -3.45 -12.86
CA ARG A 137 24.97 -2.72 -11.58
C ARG A 137 23.93 -1.59 -11.61
N ASP A 138 23.59 -1.16 -12.82
CA ASP A 138 22.58 -0.13 -12.96
C ASP A 138 21.17 -0.68 -12.72
N LYS A 139 20.96 -1.95 -13.03
CA LYS A 139 19.69 -2.63 -12.73
C LYS A 139 19.53 -2.89 -11.23
N MET A 140 20.65 -3.07 -10.54
CA MET A 140 20.66 -3.30 -9.09
C MET A 140 20.35 -2.03 -8.31
N VAL A 141 20.90 -0.91 -8.76
CA VAL A 141 20.58 0.38 -8.19
C VAL A 141 19.08 0.65 -8.39
N ILE A 142 18.52 0.19 -9.52
CA ILE A 142 17.11 0.43 -9.76
C ILE A 142 16.19 -0.28 -8.76
N GLN A 143 16.41 -1.58 -8.60
CA GLN A 143 15.75 -2.38 -7.56
C GLN A 143 15.92 -1.74 -6.19
N ALA A 144 17.14 -1.32 -5.89
CA ALA A 144 17.37 -0.72 -4.58
C ALA A 144 16.52 0.54 -4.36
N ILE A 145 16.36 1.37 -5.40
CA ILE A 145 15.66 2.64 -5.24
C ILE A 145 14.16 2.40 -5.22
N GLU A 146 13.72 1.38 -5.95
CA GLU A 146 12.32 0.94 -5.85
C GLU A 146 12.01 0.30 -4.49
N ALA A 147 13.00 -0.43 -3.96
CA ALA A 147 12.94 -1.05 -2.64
C ALA A 147 12.88 -0.02 -1.53
N LEU A 148 13.57 1.09 -1.75
CA LEU A 148 13.71 2.15 -0.77
C LEU A 148 12.37 2.83 -0.64
N ASP A 149 11.64 2.87 -1.74
CA ASP A 149 10.29 3.47 -1.74
C ASP A 149 9.25 2.56 -1.14
N ASP A 150 9.42 1.26 -1.34
CA ASP A 150 8.56 0.27 -0.70
C ASP A 150 8.76 0.31 0.80
N VAL A 151 9.99 0.15 1.25
CA VAL A 151 10.29 0.26 2.67
C VAL A 151 9.65 1.51 3.30
N ASP A 152 9.75 2.65 2.62
CA ASP A 152 9.00 3.85 3.03
C ASP A 152 7.46 3.69 3.10
N LYS A 153 6.88 3.01 2.11
CA LYS A 153 5.45 2.74 2.12
C LYS A 153 5.09 1.93 3.37
N VAL A 154 5.80 0.81 3.58
CA VAL A 154 5.54 0.00 4.75
C VAL A 154 5.85 0.69 6.10
N ILE A 155 6.94 1.43 6.18
CA ILE A 155 7.20 2.12 7.44
C ILE A 155 6.03 3.00 7.84
N ASN A 156 5.46 3.70 6.87
CA ASN A 156 4.32 4.55 7.17
C ASN A 156 3.14 3.73 7.65
N LEU A 157 2.76 2.76 6.84
CA LEU A 157 1.64 1.92 7.15
C LEU A 157 1.74 1.35 8.58
N LEU A 158 2.92 0.85 8.95
CA LEU A 158 3.10 0.19 10.25
C LEU A 158 3.19 1.19 11.39
N VAL A 159 3.86 2.30 11.14
CA VAL A 159 3.87 3.37 12.11
C VAL A 159 2.47 3.99 12.36
N ALA A 160 1.60 4.00 11.36
CA ALA A 160 0.25 4.52 11.56
C ALA A 160 -0.49 3.59 12.49
N ARG A 161 -0.31 2.30 12.25
CA ARG A 161 -0.78 1.23 13.11
C ARG A 161 -0.21 1.23 14.52
N LEU A 162 1.09 1.52 14.64
CA LEU A 162 1.76 1.58 15.94
C LEU A 162 1.09 2.62 16.82
N ARG A 163 0.79 3.76 16.22
CA ARG A 163 0.19 4.90 16.91
C ARG A 163 -1.25 4.66 17.29
N GLU A 164 -2.05 4.10 16.37
CA GLU A 164 -3.43 3.82 16.71
C GLU A 164 -3.45 2.88 17.91
N TRP A 165 -2.68 1.80 17.79
CA TRP A 165 -2.60 0.77 18.83
C TRP A 165 -2.05 1.28 20.16
N TYR A 166 -0.84 1.82 20.17
CA TYR A 166 -0.28 2.31 21.44
C TYR A 166 -1.11 3.43 22.02
N SER A 167 -1.88 4.11 21.19
CA SER A 167 -2.73 5.19 21.70
C SER A 167 -3.87 4.69 22.60
N LEU A 168 -4.29 3.44 22.44
CA LEU A 168 -5.26 2.82 23.35
C LEU A 168 -4.73 2.80 24.80
N HIS A 169 -3.44 2.55 24.96
CA HIS A 169 -2.76 2.63 26.27
C HIS A 169 -2.32 4.03 26.70
N PHE A 170 -1.95 4.86 25.73
CA PHE A 170 -1.44 6.19 26.00
C PHE A 170 -1.85 7.20 24.93
N PRO A 171 -3.09 7.66 24.98
CA PRO A 171 -3.61 8.55 23.93
C PRO A 171 -2.70 9.75 23.63
N GLU A 172 -2.25 10.43 24.69
CA GLU A 172 -1.66 11.76 24.55
C GLU A 172 -0.24 11.82 23.94
N LEU A 173 0.46 10.69 23.87
CA LEU A 173 1.78 10.65 23.28
C LEU A 173 1.74 10.93 21.79
N ASP A 174 0.60 10.67 21.17
CA ASP A 174 0.47 10.78 19.73
C ASP A 174 0.90 12.14 19.21
N GLU A 175 0.27 13.20 19.72
CA GLU A 175 0.56 14.57 19.30
C GLU A 175 1.90 15.04 19.85
N LEU A 176 2.17 14.62 21.07
CA LEU A 176 3.40 15.01 21.73
C LEU A 176 4.67 14.55 20.97
N LEU A 177 4.65 13.36 20.35
CA LEU A 177 5.78 12.88 19.54
C LEU A 177 5.37 12.71 18.08
N PRO A 178 5.22 13.83 17.37
CA PRO A 178 4.75 13.84 15.98
C PRO A 178 5.80 13.23 15.05
N LYS A 179 7.05 13.21 15.50
CA LYS A 179 8.17 12.70 14.72
C LYS A 179 8.29 11.16 14.90
N HIS A 180 8.17 10.42 13.79
CA HIS A 180 8.08 8.95 13.84
C HIS A 180 9.20 8.20 14.57
N PRO A 181 10.45 8.39 14.13
CA PRO A 181 11.57 7.71 14.81
C PRO A 181 11.53 7.92 16.31
N GLN A 182 11.21 9.13 16.76
CA GLN A 182 10.98 9.37 18.18
C GLN A 182 9.83 8.58 18.85
N TYR A 183 8.64 8.51 18.22
CA TYR A 183 7.55 7.67 18.75
C TYR A 183 8.01 6.23 18.84
N VAL A 184 8.44 5.65 17.73
CA VAL A 184 8.95 4.27 17.72
C VAL A 184 10.03 4.00 18.77
N ALA A 185 11.05 4.84 18.84
CA ALA A 185 12.11 4.67 19.82
C ALA A 185 11.52 4.66 21.24
N PHE A 186 10.46 5.42 21.45
CA PHE A 186 9.80 5.44 22.74
C PHE A 186 9.06 4.13 23.05
N VAL A 187 8.11 3.79 22.19
CA VAL A 187 7.33 2.61 22.44
C VAL A 187 8.26 1.41 22.61
N LYS A 188 9.32 1.38 21.83
CA LYS A 188 10.23 0.25 21.84
C LYS A 188 11.07 0.16 23.11
N THR A 189 11.58 1.30 23.60
CA THR A 189 12.41 1.29 24.80
C THR A 189 11.70 1.61 26.13
N VAL A 190 10.48 2.13 26.07
CA VAL A 190 9.76 2.51 27.29
C VAL A 190 8.61 1.54 27.57
N GLY A 191 7.70 1.40 26.61
CA GLY A 191 6.56 0.52 26.76
C GLY A 191 5.49 1.08 27.67
N HIS A 192 5.17 0.35 28.72
CA HIS A 192 4.06 0.66 29.60
C HIS A 192 4.20 2.06 30.23
N ARG A 193 3.10 2.70 30.63
CA ARG A 193 3.18 3.99 31.31
C ARG A 193 3.96 3.87 32.62
N ASP A 194 3.89 2.71 33.27
CA ASP A 194 4.53 2.54 34.58
C ASP A 194 6.06 2.64 34.52
N ASN A 195 6.65 2.59 33.32
CA ASN A 195 8.10 2.75 33.18
C ASN A 195 8.59 4.16 32.88
N ILE A 196 7.66 5.04 32.56
CA ILE A 196 8.04 6.41 32.27
C ILE A 196 8.50 7.05 33.58
N ASN A 197 9.67 7.65 33.52
CA ASN A 197 10.23 8.40 34.63
C ASN A 197 11.28 9.39 34.13
N GLU A 198 11.60 10.39 34.93
CA GLU A 198 12.54 11.43 34.50
C GLU A 198 13.84 10.83 33.93
N GLU A 199 14.28 9.72 34.51
CA GLU A 199 15.49 9.01 34.08
C GLU A 199 15.51 8.58 32.62
N VAL A 200 14.65 7.62 32.31
CA VAL A 200 14.64 6.92 31.02
C VAL A 200 14.33 7.83 29.82
N LEU A 201 13.68 8.96 30.08
CA LEU A 201 13.28 9.89 29.03
C LEU A 201 14.41 10.77 28.55
N ARG A 202 15.33 11.10 29.45
CA ARG A 202 16.50 11.88 29.08
C ARG A 202 17.47 11.01 28.29
N GLU A 203 17.66 9.77 28.76
CA GLU A 203 18.53 8.81 28.08
C GLU A 203 17.98 8.47 26.70
N LEU A 204 16.71 8.80 26.47
CA LEU A 204 16.09 8.65 25.16
C LEU A 204 16.41 9.89 24.32
N GLY A 205 16.89 10.93 25.01
CA GLY A 205 17.40 12.13 24.37
C GLY A 205 16.38 13.06 23.73
N LEU A 206 15.39 13.46 24.50
CA LEU A 206 14.43 14.45 24.00
C LEU A 206 14.38 15.67 24.92
N SER A 207 13.84 16.78 24.44
CA SER A 207 14.10 18.09 25.06
C SER A 207 13.50 18.23 26.46
N GLU A 208 13.70 19.39 27.06
CA GLU A 208 13.30 19.61 28.45
C GLU A 208 11.83 19.93 28.65
N GLU A 209 11.21 20.67 27.73
CA GLU A 209 9.78 20.94 27.86
C GLU A 209 8.97 19.68 27.54
N LYS A 210 9.43 18.96 26.53
CA LYS A 210 8.85 17.68 26.15
C LYS A 210 8.73 16.75 27.37
N ILE A 211 9.87 16.45 27.98
CA ILE A 211 9.96 15.62 29.17
C ILE A 211 9.29 16.21 30.42
N LYS A 212 9.00 17.51 30.42
CA LYS A 212 8.19 18.03 31.51
C LYS A 212 6.75 17.73 31.18
N LYS A 213 6.43 17.79 29.89
CA LYS A 213 5.22 17.18 29.42
C LYS A 213 5.47 15.66 29.46
N ILE A 214 4.49 14.89 29.01
CA ILE A 214 4.57 13.42 29.04
C ILE A 214 4.57 12.89 30.47
N LEU A 215 5.04 13.68 31.43
CA LEU A 215 5.01 13.28 32.84
C LEU A 215 3.76 13.69 33.60
N GLU A 216 3.13 14.76 33.12
CA GLU A 216 1.79 15.14 33.51
C GLU A 216 0.76 14.33 32.72
N ALA A 217 0.85 14.42 31.40
CA ALA A 217 -0.04 13.66 30.53
C ALA A 217 -0.10 12.18 30.89
N LYS A 218 1.03 11.64 31.38
CA LYS A 218 1.13 10.23 31.78
C LYS A 218 0.35 9.75 32.99
N GLU A 219 0.60 10.34 34.15
CA GLU A 219 -0.03 9.87 35.39
C GLU A 219 -1.54 10.18 35.42
N LYS A 220 -1.90 11.28 34.73
CA LYS A 220 -3.28 11.75 34.62
C LYS A 220 -4.03 11.25 33.36
N THR A 221 -3.45 10.34 32.57
CA THR A 221 -4.08 9.96 31.28
C THR A 221 -5.44 9.31 31.37
N MET A 222 -6.17 9.38 30.26
CA MET A 222 -7.45 8.66 30.18
C MET A 222 -7.35 7.33 29.40
N GLY A 223 -6.16 6.94 28.97
CA GLY A 223 -5.97 5.71 28.20
C GLY A 223 -6.16 4.43 29.00
N ALA A 224 -6.60 3.37 28.33
CA ALA A 224 -6.88 2.12 29.03
C ALA A 224 -5.61 1.47 29.57
N TRP A 225 -5.77 0.67 30.60
CA TRP A 225 -4.67 -0.07 31.21
C TRP A 225 -4.23 -1.19 30.26
N MET A 226 -2.96 -1.58 30.31
CA MET A 226 -2.51 -2.70 29.48
C MET A 226 -1.75 -3.73 30.33
N ASP A 227 -2.09 -5.01 30.18
CA ASP A 227 -1.35 -6.06 30.89
C ASP A 227 0.05 -6.20 30.30
N GLN A 228 0.83 -7.12 30.84
CA GLN A 228 2.16 -7.40 30.28
C GLN A 228 2.04 -7.97 28.86
N THR A 229 1.11 -8.89 28.68
CA THR A 229 0.95 -9.58 27.41
C THR A 229 0.48 -8.61 26.30
N ASP A 230 -0.36 -7.66 26.69
CA ASP A 230 -0.94 -6.68 25.79
C ASP A 230 0.09 -5.71 25.21
N ILE A 231 0.98 -5.21 26.08
CA ILE A 231 2.05 -4.28 25.69
C ILE A 231 3.24 -4.98 25.08
N GLU A 232 3.47 -6.25 25.41
CA GLU A 232 4.59 -6.93 24.79
C GLU A 232 4.38 -7.05 23.29
N VAL A 233 3.15 -7.24 22.83
CA VAL A 233 2.99 -7.48 21.42
C VAL A 233 3.05 -6.19 20.65
N VAL A 234 2.57 -5.10 21.23
CA VAL A 234 2.75 -3.81 20.58
C VAL A 234 4.22 -3.33 20.55
N ARG A 235 4.99 -3.61 21.59
CA ARG A 235 6.42 -3.34 21.53
C ARG A 235 7.17 -4.18 20.50
N GLN A 236 6.70 -5.39 20.25
CA GLN A 236 7.29 -6.21 19.19
C GLN A 236 7.15 -5.52 17.86
N LEU A 237 5.97 -4.95 17.63
CA LEU A 237 5.74 -4.20 16.40
C LEU A 237 6.73 -3.03 16.27
N ALA A 238 7.04 -2.39 17.39
CA ALA A 238 7.93 -1.24 17.37
C ALA A 238 9.39 -1.64 17.28
N GLU A 239 9.72 -2.88 17.65
CA GLU A 239 11.07 -3.39 17.45
C GLU A 239 11.24 -3.73 15.97
N GLU A 240 10.12 -4.13 15.37
CA GLU A 240 10.13 -4.42 13.96
C GLU A 240 10.37 -3.17 13.13
N ILE A 241 9.51 -2.17 13.30
CA ILE A 241 9.67 -0.96 12.52
C ILE A 241 11.12 -0.46 12.62
N ASP A 242 11.70 -0.52 13.83
CA ASP A 242 13.09 -0.13 14.00
C ASP A 242 14.01 -0.92 13.04
N ARG A 243 13.92 -2.25 13.03
CA ARG A 243 14.71 -3.00 12.06
C ARG A 243 14.52 -2.33 10.70
N LEU A 244 13.27 -2.08 10.34
CA LEU A 244 12.95 -1.42 9.06
C LEU A 244 13.68 -0.07 8.81
N TYR A 245 13.75 0.77 9.83
CA TYR A 245 14.54 1.99 9.73
C TYR A 245 16.03 1.71 9.45
N GLN A 246 16.58 0.67 10.05
CA GLN A 246 17.98 0.32 9.85
C GLN A 246 18.17 -0.28 8.48
N LEU A 247 17.10 -0.85 7.95
CA LEU A 247 17.18 -1.43 6.64
C LEU A 247 17.13 -0.32 5.60
N ARG A 248 16.43 0.74 5.94
CA ARG A 248 16.29 1.87 5.05
C ARG A 248 17.60 2.64 4.91
N LYS A 249 18.29 2.84 6.02
CA LYS A 249 19.61 3.44 5.97
C LYS A 249 20.61 2.56 5.23
N LYS A 250 20.44 1.23 5.30
CA LYS A 250 21.30 0.34 4.55
C LYS A 250 21.14 0.50 3.05
N LEU A 251 19.88 0.53 2.60
CA LEU A 251 19.56 0.85 1.20
C LEU A 251 20.07 2.24 0.77
N GLU A 252 19.83 3.25 1.60
CA GLU A 252 20.27 4.60 1.31
C GLU A 252 21.79 4.72 1.10
N ASP A 253 22.57 3.96 1.86
CA ASP A 253 24.03 3.94 1.70
C ASP A 253 24.48 3.04 0.58
N TYR A 254 23.70 2.02 0.27
CA TYR A 254 24.08 1.18 -0.83
C TYR A 254 23.93 1.90 -2.16
N ILE A 255 22.81 2.59 -2.34
CA ILE A 255 22.63 3.46 -3.52
C ILE A 255 23.77 4.49 -3.62
N ASP A 256 24.01 5.21 -2.54
CA ASP A 256 25.05 6.23 -2.50
C ASP A 256 26.41 5.70 -2.95
N ARG A 257 26.82 4.53 -2.44
CA ARG A 257 28.10 3.98 -2.86
C ARG A 257 28.04 3.35 -4.24
N ALA A 258 26.88 2.83 -4.63
CA ALA A 258 26.76 2.20 -5.93
C ALA A 258 26.80 3.25 -7.02
N MET A 259 26.05 4.32 -6.81
CA MET A 259 26.06 5.44 -7.74
C MET A 259 27.49 5.86 -8.12
N ASP A 260 28.41 5.77 -7.18
CA ASP A 260 29.78 6.13 -7.48
C ASP A 260 30.46 5.26 -8.54
N ASP A 261 30.08 3.99 -8.65
CA ASP A 261 30.57 3.15 -9.76
C ASP A 261 29.72 3.38 -11.01
N VAL A 262 28.40 3.39 -10.82
CA VAL A 262 27.46 3.45 -11.95
C VAL A 262 27.41 4.81 -12.69
N ALA A 263 27.12 5.91 -11.98
CA ALA A 263 27.06 7.23 -12.63
C ALA A 263 27.56 8.38 -11.75
N PRO A 264 28.88 8.46 -11.57
CA PRO A 264 29.51 9.52 -10.78
C PRO A 264 29.06 10.96 -11.16
N ASN A 265 28.99 11.31 -12.44
CA ASN A 265 28.55 12.65 -12.78
C ASN A 265 27.08 12.91 -12.40
N LEU A 266 26.20 12.00 -12.82
CA LEU A 266 24.78 12.08 -12.47
C LEU A 266 24.61 12.31 -10.98
N LYS A 267 25.34 11.53 -10.19
CA LYS A 267 25.34 11.71 -8.75
C LYS A 267 25.75 13.13 -8.32
N ALA A 268 26.82 13.68 -8.90
CA ALA A 268 27.34 15.00 -8.48
C ALA A 268 26.35 16.15 -8.68
N LEU A 269 25.79 16.26 -9.88
CA LEU A 269 24.76 17.28 -10.16
C LEU A 269 23.60 17.22 -9.17
N VAL A 270 22.86 16.12 -9.22
CA VAL A 270 21.60 15.99 -8.49
C VAL A 270 21.57 15.21 -7.17
N GLY A 271 22.67 14.57 -6.79
CA GLY A 271 22.63 13.66 -5.64
C GLY A 271 22.24 12.22 -5.99
N ALA A 272 22.73 11.25 -5.21
CA ALA A 272 22.61 9.84 -5.59
C ALA A 272 21.17 9.37 -5.70
N LYS A 273 20.34 9.81 -4.75
CA LYS A 273 18.97 9.33 -4.68
C LYS A 273 18.21 9.71 -5.94
N LEU A 274 18.13 11.01 -6.19
CA LEU A 274 17.52 11.52 -7.40
C LEU A 274 18.13 10.90 -8.67
N ALA A 275 19.44 10.87 -8.79
CA ALA A 275 20.06 10.20 -9.93
C ALA A 275 19.54 8.75 -10.08
N ALA A 276 19.31 8.04 -8.98
CA ALA A 276 18.75 6.69 -9.15
C ALA A 276 17.30 6.68 -9.62
N ARG A 277 16.52 7.69 -9.25
CA ARG A 277 15.14 7.73 -9.76
C ARG A 277 15.12 7.92 -11.26
N LEU A 278 15.97 8.83 -11.76
CA LEU A 278 16.16 9.05 -13.18
C LEU A 278 16.52 7.79 -13.95
N ILE A 279 17.57 7.12 -13.52
CA ILE A 279 17.91 5.85 -14.12
C ILE A 279 16.70 4.91 -14.05
N SER A 280 16.05 4.86 -12.90
CA SER A 280 14.92 3.95 -12.75
C SER A 280 13.79 4.26 -13.74
N LEU A 281 13.43 5.54 -13.87
CA LEU A 281 12.33 5.95 -14.74
C LEU A 281 12.69 5.70 -16.20
N ALA A 282 13.96 5.92 -16.53
CA ALA A 282 14.40 5.75 -17.90
C ALA A 282 14.34 4.28 -18.25
N GLY A 283 14.67 3.44 -17.27
CA GLY A 283 14.78 2.02 -17.51
C GLY A 283 16.20 1.50 -17.46
N GLY A 284 17.16 2.41 -17.34
CA GLY A 284 18.54 2.02 -17.14
C GLY A 284 19.43 3.17 -17.55
N LEU A 285 20.73 3.07 -17.25
CA LEU A 285 21.67 4.10 -17.62
C LEU A 285 21.71 4.26 -19.15
N ARG A 286 21.84 3.17 -19.89
CA ARG A 286 21.89 3.25 -21.34
C ARG A 286 20.65 3.99 -21.86
N GLU A 287 19.47 3.54 -21.44
CA GLU A 287 18.23 4.14 -21.92
C GLU A 287 18.23 5.64 -21.68
N LEU A 288 18.75 6.04 -20.52
CA LEU A 288 18.79 7.43 -20.08
C LEU A 288 19.83 8.22 -20.86
N ALA A 289 20.87 7.52 -21.30
CA ALA A 289 21.96 8.12 -22.06
C ALA A 289 21.64 8.21 -23.55
N MET A 290 20.52 7.61 -23.96
CA MET A 290 20.03 7.71 -25.33
C MET A 290 18.98 8.80 -25.46
N MET A 291 18.66 9.46 -24.37
CA MET A 291 17.56 10.40 -24.39
C MET A 291 17.90 11.84 -24.74
N PRO A 292 16.92 12.53 -25.34
CA PRO A 292 16.99 13.98 -25.51
C PRO A 292 16.78 14.63 -24.16
N SER A 293 17.26 15.87 -23.99
CA SER A 293 17.04 16.59 -22.75
C SER A 293 15.56 16.82 -22.47
N SER A 294 14.78 17.11 -23.50
CA SER A 294 13.33 17.27 -23.32
C SER A 294 12.64 16.07 -22.66
N THR A 295 13.09 14.86 -22.91
CA THR A 295 12.52 13.71 -22.23
C THR A 295 12.92 13.73 -20.76
N ILE A 296 14.18 14.02 -20.48
CA ILE A 296 14.72 14.03 -19.11
C ILE A 296 14.06 15.06 -18.17
N GLN A 297 13.73 16.23 -18.70
CA GLN A 297 13.04 17.23 -17.91
C GLN A 297 11.69 16.71 -17.41
N VAL A 298 11.04 15.86 -18.19
CA VAL A 298 9.73 15.31 -17.83
C VAL A 298 9.64 13.88 -17.28
N LEU A 299 10.76 13.18 -17.13
CA LEU A 299 10.74 11.83 -16.56
C LEU A 299 10.06 11.90 -15.19
N GLY A 300 9.04 11.08 -14.98
CA GLY A 300 8.29 11.08 -13.72
C GLY A 300 6.94 11.77 -13.80
N ALA A 301 6.79 12.61 -14.81
CA ALA A 301 5.56 13.32 -15.19
C ALA A 301 4.79 12.55 -16.26
N GLU A 302 5.07 11.26 -16.38
CA GLU A 302 4.53 10.45 -17.47
C GLU A 302 3.04 10.71 -17.82
N LYS A 303 2.12 10.79 -16.84
CA LYS A 303 0.70 11.00 -17.17
C LYS A 303 0.39 12.37 -17.73
N ALA A 304 0.99 13.40 -17.15
CA ALA A 304 0.73 14.79 -17.58
C ALA A 304 1.27 15.03 -18.97
N LEU A 305 2.33 14.31 -19.30
CA LEU A 305 2.96 14.43 -20.60
C LEU A 305 2.11 13.77 -21.64
N PHE A 306 1.63 12.56 -21.33
CA PHE A 306 0.78 11.84 -22.27
C PHE A 306 -0.51 12.59 -22.46
N ARG A 307 -1.03 13.10 -21.36
CA ARG A 307 -2.26 13.81 -21.47
C ARG A 307 -2.10 15.07 -22.33
N HIS A 308 -1.01 15.82 -22.13
CA HIS A 308 -0.61 16.87 -23.08
C HIS A 308 -0.41 16.40 -24.53
N LEU A 309 0.16 15.22 -24.70
CA LEU A 309 0.42 14.70 -26.05
C LEU A 309 -0.86 14.24 -26.78
N ARG A 310 -1.84 13.72 -26.03
CA ARG A 310 -3.11 13.24 -26.58
C ARG A 310 -4.10 14.37 -26.85
N THR A 311 -4.49 15.08 -25.78
CA THR A 311 -5.45 16.19 -25.88
C THR A 311 -4.89 17.53 -26.37
N GLY A 312 -3.66 17.88 -25.97
CA GLY A 312 -3.08 19.18 -26.32
C GLY A 312 -2.97 20.13 -25.13
N ALA A 313 -3.32 19.64 -23.94
CA ALA A 313 -3.20 20.42 -22.71
C ALA A 313 -1.74 20.81 -22.34
N LYS A 314 -1.60 21.86 -21.54
CA LYS A 314 -0.29 22.38 -21.20
C LYS A 314 0.61 21.31 -20.59
N PRO A 315 1.86 21.24 -21.07
CA PRO A 315 2.85 20.22 -20.72
C PRO A 315 3.39 20.36 -19.31
N PRO A 316 3.94 19.29 -18.75
CA PRO A 316 4.60 19.47 -17.47
C PRO A 316 5.93 20.14 -17.71
N LYS A 317 6.35 20.97 -16.78
CA LYS A 317 7.63 21.63 -16.85
C LYS A 317 8.69 20.80 -16.13
N HIS A 318 8.25 19.79 -15.36
CA HIS A 318 9.17 18.92 -14.62
C HIS A 318 8.58 17.60 -14.21
N GLY A 319 9.42 16.59 -14.11
CA GLY A 319 9.11 15.31 -13.50
C GLY A 319 9.79 15.25 -12.15
N VAL A 320 10.35 14.09 -11.83
CA VAL A 320 11.16 13.92 -10.61
C VAL A 320 12.17 15.02 -10.35
N ILE A 321 12.76 15.63 -11.37
CA ILE A 321 13.80 16.64 -11.10
C ILE A 321 13.24 17.81 -10.24
N TYR A 322 11.91 17.84 -10.10
CA TYR A 322 11.28 18.82 -9.24
C TYR A 322 11.85 18.86 -7.83
N GLN A 323 12.36 17.74 -7.34
CA GLN A 323 13.03 17.73 -6.03
C GLN A 323 14.36 18.47 -5.99
N TYR A 324 15.00 18.64 -7.13
CA TYR A 324 16.27 19.35 -7.10
C TYR A 324 16.00 20.66 -6.34
N PRO A 325 16.78 20.95 -5.29
CA PRO A 325 16.48 22.11 -4.45
C PRO A 325 16.25 23.39 -5.25
N ALA A 326 17.15 23.70 -6.18
CA ALA A 326 17.04 24.95 -6.93
C ALA A 326 15.74 25.05 -7.74
N ILE A 327 15.06 23.93 -7.98
CA ILE A 327 13.75 24.02 -8.61
C ILE A 327 12.65 24.30 -7.57
N ASN A 328 12.34 23.31 -6.73
CA ASN A 328 11.15 23.36 -5.87
C ASN A 328 11.09 24.51 -4.86
N ARG A 329 12.25 25.07 -4.50
CA ARG A 329 12.31 26.26 -3.65
C ARG A 329 12.49 27.62 -4.34
N SER A 330 12.34 27.67 -5.66
CA SER A 330 12.59 28.92 -6.37
C SER A 330 11.29 29.55 -6.82
N PRO A 331 11.34 30.87 -7.03
CA PRO A 331 10.15 31.62 -7.43
C PRO A 331 9.43 30.84 -8.51
N TRP A 332 8.11 30.76 -8.42
CA TRP A 332 7.39 29.85 -9.30
C TRP A 332 7.61 30.24 -10.76
N TRP A 333 7.82 31.52 -11.02
CA TRP A 333 7.93 31.99 -12.39
C TRP A 333 9.23 31.61 -13.11
N GLN A 334 10.23 31.15 -12.36
CA GLN A 334 11.46 30.66 -12.97
C GLN A 334 11.67 29.14 -13.02
N ARG A 335 10.70 28.35 -12.58
CA ARG A 335 10.90 26.90 -12.45
C ARG A 335 11.08 26.16 -13.77
N GLY A 336 10.30 26.51 -14.78
CA GLY A 336 10.45 25.88 -16.07
C GLY A 336 11.83 26.13 -16.66
N LYS A 337 12.41 27.28 -16.38
CA LYS A 337 13.66 27.64 -17.01
C LYS A 337 14.81 26.94 -16.32
N ILE A 338 14.67 26.70 -15.03
CA ILE A 338 15.71 26.00 -14.29
C ILE A 338 15.61 24.51 -14.59
N ALA A 339 14.38 24.00 -14.72
CA ALA A 339 14.18 22.63 -15.13
C ALA A 339 14.89 22.38 -16.47
N ARG A 340 14.64 23.23 -17.43
CA ARG A 340 15.14 23.02 -18.77
C ARG A 340 16.66 23.23 -18.80
N ALA A 341 17.18 23.92 -17.80
CA ALA A 341 18.62 24.12 -17.70
C ALA A 341 19.25 22.87 -17.16
N LEU A 342 18.60 22.28 -16.16
CA LEU A 342 19.10 21.12 -15.45
C LEU A 342 18.99 19.89 -16.36
N ALA A 343 17.85 19.73 -17.03
CA ALA A 343 17.67 18.61 -17.96
C ALA A 343 18.80 18.63 -18.94
N GLY A 344 19.09 19.81 -19.44
CA GLY A 344 20.19 19.97 -20.38
C GLY A 344 21.46 19.32 -19.84
N LYS A 345 21.82 19.66 -18.61
CA LYS A 345 23.08 19.18 -18.03
C LYS A 345 23.08 17.70 -17.66
N LEU A 346 21.91 17.19 -17.26
CA LEU A 346 21.79 15.80 -16.89
C LEU A 346 21.96 14.92 -18.10
N ALA A 347 21.51 15.38 -19.27
CA ALA A 347 21.62 14.55 -20.47
C ALA A 347 23.08 14.38 -20.80
N ILE A 348 23.84 15.45 -20.69
CA ILE A 348 25.28 15.38 -20.95
C ILE A 348 25.99 14.55 -19.87
N ALA A 349 25.56 14.69 -18.63
CA ALA A 349 26.16 13.96 -17.52
C ALA A 349 25.93 12.46 -17.66
N ALA A 350 24.75 12.07 -18.13
CA ALA A 350 24.43 10.66 -18.30
C ALA A 350 25.20 10.05 -19.47
N ARG A 351 25.40 10.80 -20.55
CA ARG A 351 26.21 10.30 -21.66
C ARG A 351 27.66 10.08 -21.27
N VAL A 352 28.20 10.96 -20.45
CA VAL A 352 29.57 10.76 -19.99
C VAL A 352 29.71 9.55 -19.06
N ASP A 353 28.81 9.40 -18.09
CA ASP A 353 28.90 8.26 -17.17
C ASP A 353 28.85 6.93 -17.92
N TYR A 354 28.01 6.86 -18.94
CA TYR A 354 27.77 5.63 -19.65
C TYR A 354 28.83 5.33 -20.71
N PHE A 355 29.20 6.33 -21.50
CA PHE A 355 30.11 6.11 -22.62
C PHE A 355 31.60 6.17 -22.29
N SER A 356 31.96 6.72 -21.14
CA SER A 356 33.38 6.88 -20.83
C SER A 356 33.75 6.49 -19.41
N GLY A 357 33.15 7.18 -18.44
CA GLY A 357 33.54 7.07 -17.05
C GLY A 357 34.55 8.16 -16.76
N GLU A 358 34.78 9.00 -17.77
CA GLU A 358 35.50 10.26 -17.64
C GLU A 358 34.72 11.09 -16.59
N TYR A 359 35.39 11.98 -15.87
CA TYR A 359 34.69 12.79 -14.86
C TYR A 359 34.71 14.31 -15.10
N ILE A 360 33.59 14.83 -15.57
CA ILE A 360 33.37 16.24 -15.88
C ILE A 360 32.49 17.07 -14.93
N ALA A 361 32.04 16.52 -13.81
CA ALA A 361 30.96 17.14 -13.04
C ALA A 361 31.27 18.47 -12.36
N GLU A 362 32.54 18.80 -12.17
CA GLU A 362 32.90 20.11 -11.66
C GLU A 362 32.51 21.27 -12.61
N GLU A 363 32.90 21.17 -13.88
CA GLU A 363 32.55 22.20 -14.85
C GLU A 363 31.04 22.19 -15.06
N LEU A 364 30.47 20.99 -15.13
CA LEU A 364 29.05 20.84 -15.36
C LEU A 364 28.31 21.46 -14.19
N LYS A 365 28.82 21.28 -13.00
CA LYS A 365 28.16 21.90 -11.86
C LYS A 365 28.32 23.43 -11.83
N LYS A 366 29.42 23.97 -12.36
CA LYS A 366 29.57 25.42 -12.51
C LYS A 366 28.75 26.04 -13.64
N GLU A 367 28.85 25.49 -14.85
CA GLU A 367 28.12 26.01 -16.00
C GLU A 367 26.65 26.12 -15.58
N LEU A 368 26.19 25.18 -14.77
CA LEU A 368 24.82 25.15 -14.26
C LEU A 368 24.53 26.18 -13.16
N GLU A 369 25.50 26.43 -12.29
CA GLU A 369 25.37 27.51 -11.30
C GLU A 369 25.25 28.85 -12.00
N ALA A 370 26.14 29.06 -12.97
CA ALA A 370 26.15 30.26 -13.78
C ALA A 370 24.77 30.43 -14.41
N ARG A 371 24.34 29.44 -15.18
CA ARG A 371 23.09 29.59 -15.90
C ARG A 371 21.91 29.85 -14.97
N ILE A 372 22.00 29.38 -13.73
CA ILE A 372 20.91 29.58 -12.76
C ILE A 372 20.92 30.96 -12.10
N ARG A 373 22.10 31.56 -11.96
CA ARG A 373 22.17 32.94 -11.51
C ARG A 373 21.79 33.85 -12.67
N GLU A 374 22.37 33.57 -13.82
CA GLU A 374 22.03 34.28 -15.03
C GLU A 374 20.49 34.31 -15.21
N ILE A 375 19.81 33.20 -14.86
CA ILE A 375 18.35 33.09 -14.92
C ILE A 375 17.70 33.93 -13.83
N LYS A 376 18.24 33.85 -12.62
CA LYS A 376 17.71 34.62 -11.49
C LYS A 376 17.94 36.12 -11.67
N GLU A 377 19.08 36.46 -12.26
CA GLU A 377 19.43 37.85 -12.48
C GLU A 377 18.23 38.55 -13.10
N LYS A 378 17.69 37.99 -14.17
CA LYS A 378 16.60 38.68 -14.82
C LYS A 378 15.27 38.08 -14.49
N TYR A 379 14.58 38.59 -13.45
CA TYR A 379 13.21 38.17 -13.07
C TYR A 379 12.82 38.78 -11.68
N LYS B 9 41.71 11.63 -33.55
CA LYS B 9 40.27 11.67 -33.81
C LYS B 9 39.57 10.84 -32.73
N PRO B 10 38.61 11.45 -32.05
CA PRO B 10 38.06 10.82 -30.83
C PRO B 10 37.29 9.54 -31.13
N SER B 11 37.28 8.66 -30.13
CA SER B 11 36.87 7.28 -30.29
C SER B 11 35.49 7.16 -30.93
N TYR B 12 34.66 8.18 -30.75
CA TYR B 12 33.32 8.17 -31.32
C TYR B 12 33.35 8.42 -32.84
N VAL B 13 34.51 8.78 -33.39
CA VAL B 13 34.66 8.84 -34.84
C VAL B 13 35.08 7.44 -35.27
N LYS B 14 34.17 6.75 -35.93
CA LYS B 14 34.33 5.32 -36.15
C LYS B 14 34.90 5.01 -37.52
N PHE B 15 35.05 6.05 -38.35
CA PHE B 15 35.66 5.89 -39.64
C PHE B 15 36.18 7.20 -40.16
N GLU B 16 37.09 7.13 -41.12
CA GLU B 16 37.87 8.27 -41.57
C GLU B 16 37.24 8.96 -42.77
N VAL B 17 36.71 10.16 -42.56
CA VAL B 17 36.02 10.87 -43.62
C VAL B 17 36.97 11.73 -44.44
N PRO B 18 37.10 11.41 -45.73
CA PRO B 18 37.97 12.11 -46.69
C PRO B 18 37.61 13.59 -46.78
N LYS B 19 38.62 14.45 -46.85
CA LYS B 19 38.43 15.90 -46.72
C LYS B 19 37.34 16.42 -47.66
N GLU B 20 37.16 15.71 -48.77
CA GLU B 20 36.21 16.07 -49.81
C GLU B 20 34.78 15.83 -49.34
N LEU B 21 34.48 14.57 -48.98
CA LEU B 21 33.14 14.17 -48.52
C LEU B 21 32.56 15.09 -47.45
N ALA B 22 33.40 15.41 -46.46
CA ALA B 22 33.05 16.39 -45.44
C ALA B 22 32.50 17.67 -46.07
N GLU B 23 33.21 18.19 -47.06
CA GLU B 23 32.80 19.43 -47.73
C GLU B 23 31.46 19.33 -48.49
N LYS B 24 31.13 18.13 -48.97
CA LYS B 24 29.84 17.89 -49.63
C LYS B 24 28.71 17.73 -48.64
N ALA B 25 29.08 17.38 -47.40
CA ALA B 25 28.13 17.29 -46.31
C ALA B 25 27.67 18.68 -45.93
N LEU B 26 28.63 19.57 -45.68
CA LEU B 26 28.35 20.93 -45.27
C LEU B 26 27.49 21.72 -46.25
N GLN B 27 27.60 21.44 -47.55
CA GLN B 27 26.75 22.15 -48.50
C GLN B 27 25.46 21.41 -48.84
N ALA B 28 25.35 20.16 -48.39
CA ALA B 28 24.08 19.44 -48.44
C ALA B 28 23.19 19.99 -47.34
N VAL B 29 23.78 20.19 -46.16
CA VAL B 29 23.09 20.84 -45.04
C VAL B 29 22.70 22.25 -45.41
N GLU B 30 23.61 22.94 -46.10
CA GLU B 30 23.40 24.33 -46.46
C GLU B 30 22.17 24.51 -47.37
N ILE B 31 22.11 23.75 -48.45
CA ILE B 31 21.00 23.90 -49.39
C ILE B 31 19.70 23.29 -48.86
N ALA B 32 19.82 22.21 -48.08
CA ALA B 32 18.67 21.56 -47.45
C ALA B 32 18.05 22.46 -46.39
N ARG B 33 18.81 23.44 -45.90
CA ARG B 33 18.28 24.45 -45.01
C ARG B 33 17.29 25.34 -45.77
N ASP B 34 17.78 25.98 -46.83
CA ASP B 34 17.00 26.94 -47.60
C ASP B 34 15.89 26.26 -48.40
N THR B 35 16.25 25.19 -49.10
CA THR B 35 15.33 24.52 -50.02
C THR B 35 14.58 23.35 -49.37
N GLY B 36 14.73 23.19 -48.06
CA GLY B 36 14.30 22.00 -47.36
C GLY B 36 14.13 22.15 -45.85
N LYS B 37 14.09 21.02 -45.15
CA LYS B 37 13.89 21.05 -43.70
C LYS B 37 15.00 20.35 -42.93
N ILE B 38 15.67 21.07 -42.05
CA ILE B 38 16.65 20.43 -41.18
C ILE B 38 16.36 20.69 -39.70
N ARG B 39 17.02 19.93 -38.84
CA ARG B 39 16.92 20.08 -37.40
C ARG B 39 18.32 20.35 -36.89
N LYS B 40 18.53 21.47 -36.21
CA LYS B 40 19.87 21.79 -35.69
C LYS B 40 19.95 21.45 -34.22
N GLY B 41 21.11 21.00 -33.77
CA GLY B 41 21.32 20.74 -32.35
C GLY B 41 21.18 19.28 -32.01
N THR B 42 21.93 18.84 -31.01
CA THR B 42 21.95 17.42 -30.67
C THR B 42 20.63 16.85 -30.13
N ASN B 43 19.80 17.66 -29.49
CA ASN B 43 18.58 17.09 -28.91
C ASN B 43 17.50 16.95 -29.94
N GLU B 44 17.39 17.93 -30.83
CA GLU B 44 16.51 17.78 -31.98
C GLU B 44 16.98 16.65 -32.92
N THR B 45 18.26 16.63 -33.27
CA THR B 45 18.76 15.53 -34.09
C THR B 45 18.37 14.17 -33.54
N THR B 46 18.69 13.91 -32.27
CA THR B 46 18.36 12.63 -31.62
C THR B 46 16.86 12.33 -31.64
N LYS B 47 16.06 13.36 -31.44
CA LYS B 47 14.61 13.26 -31.57
C LYS B 47 14.19 12.89 -32.99
N ALA B 48 14.94 13.37 -33.98
CA ALA B 48 14.57 13.14 -35.38
C ALA B 48 14.96 11.72 -35.77
N VAL B 49 16.00 11.20 -35.14
CA VAL B 49 16.44 9.85 -35.41
C VAL B 49 15.47 8.82 -34.87
N GLU B 50 15.10 8.96 -33.60
CA GLU B 50 14.17 8.02 -32.97
C GLU B 50 12.81 7.97 -33.65
N ARG B 51 12.48 9.02 -34.38
CA ARG B 51 11.23 9.09 -35.11
C ARG B 51 11.38 8.68 -36.59
N GLY B 52 12.56 8.18 -36.96
CA GLY B 52 12.83 7.79 -38.33
C GLY B 52 12.64 8.92 -39.34
N GLN B 53 12.69 10.15 -38.84
CA GLN B 53 12.50 11.32 -39.68
C GLN B 53 13.82 11.90 -40.17
N ALA B 54 14.92 11.23 -39.86
CA ALA B 54 16.22 11.70 -40.29
C ALA B 54 16.51 11.07 -41.64
N LYS B 55 16.89 11.90 -42.61
CA LYS B 55 17.45 11.39 -43.86
C LYS B 55 18.96 11.17 -43.78
N LEU B 56 19.64 12.15 -43.19
CA LEU B 56 21.07 12.02 -42.91
C LEU B 56 21.38 12.87 -41.67
N VAL B 57 22.40 12.45 -40.93
CA VAL B 57 22.86 13.24 -39.81
C VAL B 57 24.37 13.47 -39.89
N ILE B 58 24.76 14.71 -39.63
CA ILE B 58 26.14 15.12 -39.67
C ILE B 58 26.53 15.38 -38.23
N ILE B 59 27.74 14.98 -37.87
CA ILE B 59 28.22 15.00 -36.50
C ILE B 59 29.62 15.62 -36.47
N ALA B 60 29.81 16.75 -35.79
CA ALA B 60 31.14 17.34 -35.69
C ALA B 60 32.14 16.43 -34.96
N GLU B 61 33.42 16.54 -35.31
CA GLU B 61 34.41 15.76 -34.60
C GLU B 61 35.21 16.52 -33.52
N ASP B 62 34.92 17.81 -33.34
CA ASP B 62 35.56 18.62 -32.29
C ASP B 62 34.79 18.80 -30.96
N VAL B 63 33.66 18.10 -30.80
CA VAL B 63 32.81 18.19 -29.61
C VAL B 63 33.54 17.88 -28.28
N ASP B 64 33.36 18.76 -27.31
CA ASP B 64 34.02 18.71 -26.00
C ASP B 64 33.04 18.92 -24.83
N PRO B 65 32.60 17.86 -24.16
CA PRO B 65 33.06 16.46 -24.15
C PRO B 65 32.61 15.67 -25.37
N GLU B 66 33.41 14.66 -25.75
CA GLU B 66 33.10 13.93 -26.97
C GLU B 66 31.90 13.00 -26.79
N GLU B 67 31.41 12.91 -25.56
CA GLU B 67 30.35 11.97 -25.22
C GLU B 67 28.96 12.52 -25.48
N ILE B 68 28.90 13.80 -25.84
CA ILE B 68 27.63 14.47 -26.05
C ILE B 68 26.98 13.95 -27.31
N VAL B 69 27.80 13.67 -28.31
CA VAL B 69 27.34 13.00 -29.52
C VAL B 69 27.64 11.50 -29.58
N ALA B 70 28.18 10.92 -28.52
CA ALA B 70 28.54 9.50 -28.57
C ALA B 70 27.38 8.53 -28.70
N HIS B 71 26.15 8.96 -28.54
CA HIS B 71 25.02 8.04 -28.66
C HIS B 71 24.44 8.04 -30.05
N LEU B 72 24.87 8.98 -30.87
CA LEU B 72 24.38 9.10 -32.23
C LEU B 72 24.78 7.98 -33.21
N PRO B 73 26.06 7.55 -33.17
CA PRO B 73 26.41 6.40 -33.99
C PRO B 73 25.61 5.12 -33.69
N PRO B 74 25.55 4.67 -32.42
CA PRO B 74 24.78 3.46 -32.15
C PRO B 74 23.33 3.64 -32.52
N LEU B 75 22.74 4.74 -32.10
CA LEU B 75 21.34 4.99 -32.37
C LEU B 75 21.03 5.04 -33.88
N CYS B 76 22.03 5.42 -34.69
CA CYS B 76 21.87 5.52 -36.13
C CYS B 76 21.96 4.16 -36.82
N GLU B 77 22.71 3.24 -36.23
CA GLU B 77 22.85 1.90 -36.79
C GLU B 77 21.64 1.02 -36.51
N GLU B 78 20.89 1.36 -35.46
CA GLU B 78 19.64 0.68 -35.17
C GLU B 78 18.48 1.15 -36.04
N LYS B 79 18.41 2.44 -36.33
CA LYS B 79 17.40 2.93 -37.27
C LYS B 79 17.91 2.94 -38.71
N GLU B 80 19.14 2.47 -38.92
CA GLU B 80 19.70 2.39 -40.28
C GLU B 80 20.09 3.73 -40.97
N ILE B 81 19.72 4.87 -40.36
CA ILE B 81 20.04 6.20 -40.91
C ILE B 81 21.55 6.39 -41.10
N PRO B 82 21.95 6.90 -42.27
CA PRO B 82 23.37 7.14 -42.58
C PRO B 82 23.89 8.36 -41.84
N TYR B 83 25.12 8.28 -41.36
CA TYR B 83 25.70 9.41 -40.69
C TYR B 83 27.14 9.64 -41.14
N ILE B 84 27.61 10.87 -40.96
CA ILE B 84 28.92 11.27 -41.44
C ILE B 84 29.55 12.35 -40.53
N TYR B 85 30.86 12.47 -40.55
CA TYR B 85 31.54 13.45 -39.70
C TYR B 85 32.08 14.66 -40.46
N VAL B 86 31.87 15.85 -39.90
CA VAL B 86 32.56 17.03 -40.42
C VAL B 86 33.49 17.51 -39.33
N PRO B 87 34.58 18.17 -39.72
CA PRO B 87 35.68 18.41 -38.79
C PRO B 87 35.37 19.48 -37.73
N SER B 88 34.45 20.41 -38.03
CA SER B 88 34.19 21.59 -37.18
C SER B 88 32.72 21.86 -36.79
N LYS B 89 32.48 22.02 -35.49
CA LYS B 89 31.15 22.35 -34.98
C LYS B 89 30.72 23.79 -35.27
N LYS B 90 31.67 24.72 -35.35
CA LYS B 90 31.32 26.09 -35.72
C LYS B 90 30.90 26.15 -37.18
N GLU B 91 31.61 25.39 -38.01
CA GLU B 91 31.34 25.34 -39.43
C GLU B 91 29.95 24.77 -39.64
N LEU B 92 29.74 23.59 -39.07
CA LEU B 92 28.45 22.92 -39.13
C LEU B 92 27.35 23.86 -38.67
N GLY B 93 27.63 24.67 -37.66
CA GLY B 93 26.65 25.59 -37.12
C GLY B 93 26.23 26.63 -38.13
N ALA B 94 27.23 27.28 -38.71
CA ALA B 94 26.97 28.25 -39.75
C ALA B 94 26.29 27.59 -40.96
N ALA B 95 26.78 26.43 -41.37
CA ALA B 95 26.18 25.75 -42.52
C ALA B 95 24.69 25.54 -42.30
N ALA B 96 24.29 25.53 -41.03
CA ALA B 96 22.90 25.31 -40.67
C ALA B 96 22.14 26.61 -40.46
N GLY B 97 22.85 27.73 -40.56
CA GLY B 97 22.22 29.03 -40.48
C GLY B 97 22.00 29.62 -39.10
N ILE B 98 22.93 29.34 -38.18
CA ILE B 98 22.88 29.90 -36.84
C ILE B 98 24.21 30.54 -36.45
N GLU B 99 24.14 31.54 -35.57
CA GLU B 99 25.33 32.31 -35.24
C GLU B 99 26.30 31.50 -34.39
N VAL B 100 25.75 30.61 -33.56
CA VAL B 100 26.55 29.76 -32.69
C VAL B 100 26.86 28.43 -33.35
N ALA B 101 27.46 27.52 -32.58
CA ALA B 101 27.87 26.22 -33.12
C ALA B 101 26.78 25.16 -32.98
N ALA B 102 27.02 24.02 -33.62
CA ALA B 102 26.10 22.89 -33.56
C ALA B 102 26.89 21.57 -33.50
N ALA B 103 26.70 20.75 -32.47
CA ALA B 103 27.45 19.48 -32.40
C ALA B 103 26.95 18.43 -33.40
N SER B 104 25.68 18.51 -33.78
CA SER B 104 25.12 17.66 -34.84
C SER B 104 23.92 18.29 -35.50
N VAL B 105 23.58 17.80 -36.69
CA VAL B 105 22.48 18.33 -37.49
C VAL B 105 21.90 17.16 -38.26
N ALA B 106 20.59 17.14 -38.44
CA ALA B 106 19.97 16.10 -39.25
C ALA B 106 19.13 16.76 -40.31
N ILE B 107 19.24 16.26 -41.54
CA ILE B 107 18.36 16.73 -42.61
C ILE B 107 17.11 15.86 -42.64
N ILE B 108 15.95 16.50 -42.46
CA ILE B 108 14.67 15.81 -42.45
C ILE B 108 14.24 15.53 -43.89
N GLU B 109 13.93 16.60 -44.62
CA GLU B 109 13.74 16.52 -46.07
C GLU B 109 14.82 17.31 -46.83
N PRO B 110 15.60 16.61 -47.68
CA PRO B 110 16.76 17.15 -48.39
C PRO B 110 16.43 18.35 -49.27
N GLY B 111 15.19 18.46 -49.74
CA GLY B 111 14.84 19.49 -50.71
C GLY B 111 15.56 19.34 -52.03
N LYS B 112 16.27 20.37 -52.45
CA LYS B 112 16.92 20.36 -53.74
C LYS B 112 18.34 19.76 -53.64
N ALA B 113 18.62 19.22 -52.46
CA ALA B 113 19.88 18.54 -52.12
C ALA B 113 19.88 16.99 -52.15
N ARG B 114 18.75 16.34 -52.43
CA ARG B 114 18.65 14.88 -52.29
C ARG B 114 19.74 14.11 -53.03
N ASP B 115 20.13 14.66 -54.18
CA ASP B 115 21.23 14.13 -54.98
C ASP B 115 22.45 13.88 -54.10
N LEU B 116 22.96 14.95 -53.52
CA LEU B 116 24.09 14.87 -52.58
C LEU B 116 23.86 13.86 -51.45
N VAL B 117 22.66 13.84 -50.88
CA VAL B 117 22.35 12.92 -49.78
C VAL B 117 22.62 11.49 -50.18
N GLU B 118 21.97 11.04 -51.25
CA GLU B 118 22.11 9.69 -51.77
C GLU B 118 23.58 9.24 -51.93
N GLU B 119 24.41 10.11 -52.51
CA GLU B 119 25.80 9.76 -52.79
C GLU B 119 26.69 9.78 -51.55
N ILE B 120 26.27 10.57 -50.55
CA ILE B 120 26.92 10.61 -49.24
C ILE B 120 26.68 9.28 -48.55
N ALA B 121 25.45 8.79 -48.66
CA ALA B 121 25.06 7.51 -48.09
C ALA B 121 25.78 6.35 -48.79
N MET B 122 25.98 6.48 -50.09
CA MET B 122 26.66 5.47 -50.90
C MET B 122 28.13 5.37 -50.53
N LYS B 123 28.80 6.51 -50.53
CA LYS B 123 30.23 6.57 -50.24
C LYS B 123 30.47 6.19 -48.77
N VAL B 124 29.49 6.52 -47.92
CA VAL B 124 29.57 6.19 -46.50
C VAL B 124 29.29 4.70 -46.23
N LYS B 125 28.35 4.11 -46.96
CA LYS B 125 28.08 2.70 -46.83
C LYS B 125 29.42 1.95 -46.92
N GLU B 126 30.34 2.49 -47.70
CA GLU B 126 31.64 1.86 -47.94
C GLU B 126 32.59 2.01 -46.77
N LEU B 127 32.69 3.23 -46.23
CA LEU B 127 33.65 3.51 -45.18
C LEU B 127 33.31 2.77 -43.89
N MET B 128 32.07 2.32 -43.81
CA MET B 128 31.65 1.44 -42.72
C MET B 128 32.24 0.06 -42.97
N LYS B 129 31.81 -0.57 -44.06
CA LYS B 129 32.31 -1.91 -44.46
C LYS B 129 33.71 -1.87 -45.07
N GLN C 133 -12.49 -7.31 34.58
CA GLN C 133 -13.06 -6.92 33.30
C GLN C 133 -12.20 -5.97 32.45
N SER C 134 -11.59 -4.94 33.06
CA SER C 134 -10.92 -3.95 32.22
C SER C 134 -11.96 -3.41 31.25
N GLY C 135 -11.88 -3.86 29.99
CA GLY C 135 -12.86 -3.47 28.99
C GLY C 135 -12.34 -2.63 27.85
N ALA C 136 -11.03 -2.42 27.79
CA ALA C 136 -10.41 -2.02 26.52
C ALA C 136 -9.70 -3.16 25.76
N ARG C 137 -9.69 -4.37 26.32
CA ARG C 137 -8.96 -5.46 25.70
C ARG C 137 -9.46 -5.84 24.32
N ASP C 138 -10.73 -5.58 24.04
CA ASP C 138 -11.32 -5.87 22.71
C ASP C 138 -10.81 -4.88 21.67
N LYS C 139 -10.49 -3.67 22.10
CA LYS C 139 -9.96 -2.68 21.20
C LYS C 139 -8.55 -3.08 20.76
N MET C 140 -7.72 -3.51 21.70
CA MET C 140 -6.38 -3.98 21.38
C MET C 140 -6.41 -5.18 20.45
N VAL C 141 -7.36 -6.07 20.68
CA VAL C 141 -7.53 -7.24 19.80
C VAL C 141 -7.80 -6.78 18.36
N ILE C 142 -8.77 -5.88 18.20
CA ILE C 142 -9.02 -5.25 16.91
C ILE C 142 -7.72 -4.73 16.27
N GLN C 143 -6.94 -3.96 17.03
CA GLN C 143 -5.71 -3.37 16.54
C GLN C 143 -4.79 -4.44 16.02
N ALA C 144 -4.80 -5.59 16.71
CA ALA C 144 -3.87 -6.66 16.40
C ALA C 144 -4.23 -7.41 15.13
N ILE C 145 -5.53 -7.59 14.92
CA ILE C 145 -6.04 -8.25 13.72
C ILE C 145 -5.84 -7.36 12.48
N GLU C 146 -6.12 -6.06 12.62
CA GLU C 146 -5.77 -5.08 11.61
C GLU C 146 -4.25 -5.07 11.38
N ALA C 147 -3.49 -5.17 12.46
CA ALA C 147 -2.05 -5.26 12.37
C ALA C 147 -1.63 -6.46 11.55
N LEU C 148 -2.28 -7.59 11.78
CA LEU C 148 -1.98 -8.82 11.06
C LEU C 148 -2.14 -8.62 9.57
N ASP C 149 -3.22 -7.96 9.18
CA ASP C 149 -3.51 -7.71 7.76
C ASP C 149 -2.55 -6.73 7.14
N ASP C 150 -2.24 -5.68 7.89
CA ASP C 150 -1.21 -4.72 7.48
C ASP C 150 0.12 -5.46 7.28
N VAL C 151 0.57 -6.21 8.28
CA VAL C 151 1.80 -7.02 8.14
C VAL C 151 1.77 -7.95 6.92
N ASP C 152 0.66 -8.65 6.69
CA ASP C 152 0.50 -9.42 5.47
C ASP C 152 0.81 -8.61 4.20
N LYS C 153 0.27 -7.39 4.10
CA LYS C 153 0.49 -6.54 2.94
C LYS C 153 1.97 -6.26 2.64
N VAL C 154 2.72 -5.94 3.69
CA VAL C 154 4.10 -5.57 3.50
C VAL C 154 4.95 -6.79 3.19
N ILE C 155 4.60 -7.92 3.75
CA ILE C 155 5.29 -9.13 3.37
C ILE C 155 5.11 -9.40 1.89
N ASN C 156 3.89 -9.23 1.39
CA ASN C 156 3.64 -9.55 -0.02
C ASN C 156 4.41 -8.61 -0.92
N LEU C 157 4.62 -7.41 -0.41
CA LEU C 157 5.27 -6.30 -1.10
C LEU C 157 6.79 -6.43 -1.10
N LEU C 158 7.35 -6.73 0.07
CA LEU C 158 8.78 -6.94 0.18
C LEU C 158 9.19 -8.21 -0.52
N VAL C 159 8.42 -9.28 -0.37
CA VAL C 159 8.73 -10.53 -1.08
C VAL C 159 8.83 -10.31 -2.56
N ALA C 160 7.84 -9.64 -3.14
CA ALA C 160 7.85 -9.34 -4.57
C ALA C 160 9.14 -8.62 -5.00
N ARG C 161 9.51 -7.59 -4.25
CA ARG C 161 10.76 -6.89 -4.50
C ARG C 161 11.95 -7.82 -4.40
N LEU C 162 11.97 -8.62 -3.35
CA LEU C 162 13.01 -9.61 -3.13
C LEU C 162 13.17 -10.54 -4.31
N ARG C 163 12.05 -10.93 -4.92
CA ARG C 163 12.08 -11.84 -6.06
C ARG C 163 12.56 -11.13 -7.32
N GLU C 164 12.06 -9.92 -7.56
CA GLU C 164 12.47 -9.19 -8.75
C GLU C 164 13.96 -8.86 -8.71
N TRP C 165 14.44 -8.62 -7.51
CA TRP C 165 15.78 -8.14 -7.30
C TRP C 165 16.82 -9.26 -7.34
N TYR C 166 16.51 -10.39 -6.68
CA TYR C 166 17.48 -11.46 -6.63
C TYR C 166 17.46 -12.21 -7.95
N SER C 167 16.37 -12.06 -8.70
CA SER C 167 16.29 -12.56 -10.07
C SER C 167 17.32 -11.97 -11.03
N LEU C 168 17.94 -10.84 -10.70
CA LEU C 168 18.94 -10.28 -11.61
C LEU C 168 20.17 -11.18 -11.55
N HIS C 169 20.43 -11.69 -10.36
CA HIS C 169 21.54 -12.59 -10.11
C HIS C 169 21.27 -14.06 -10.49
N PHE C 170 20.03 -14.52 -10.25
CA PHE C 170 19.62 -15.91 -10.51
C PHE C 170 18.16 -16.00 -10.95
N PRO C 171 17.88 -15.74 -12.23
CA PRO C 171 16.53 -15.70 -12.81
C PRO C 171 15.64 -16.93 -12.56
N GLU C 172 16.22 -18.12 -12.54
CA GLU C 172 15.40 -19.34 -12.53
C GLU C 172 14.87 -19.71 -11.15
N LEU C 173 15.60 -19.39 -10.10
CA LEU C 173 15.17 -19.75 -8.75
C LEU C 173 13.72 -19.31 -8.48
N ASP C 174 13.26 -18.30 -9.19
CA ASP C 174 11.92 -17.76 -9.01
C ASP C 174 10.79 -18.79 -9.19
N GLU C 175 10.77 -19.47 -10.34
CA GLU C 175 9.73 -20.47 -10.63
C GLU C 175 9.90 -21.73 -9.78
N LEU C 176 11.15 -22.14 -9.57
CA LEU C 176 11.48 -23.26 -8.67
C LEU C 176 10.88 -23.12 -7.28
N LEU C 177 10.97 -21.94 -6.67
CA LEU C 177 10.51 -21.78 -5.30
C LEU C 177 9.33 -20.83 -5.21
N PRO C 178 8.14 -21.32 -5.59
CA PRO C 178 6.94 -20.50 -5.62
C PRO C 178 6.50 -20.16 -4.21
N LYS C 179 7.02 -20.90 -3.23
CA LYS C 179 6.60 -20.68 -1.85
C LYS C 179 7.48 -19.63 -1.20
N HIS C 180 6.89 -18.47 -0.84
CA HIS C 180 7.67 -17.33 -0.38
C HIS C 180 8.60 -17.67 0.81
N PRO C 181 8.03 -18.23 1.89
CA PRO C 181 8.84 -18.55 3.07
C PRO C 181 10.09 -19.33 2.73
N GLN C 182 10.02 -20.13 1.67
CA GLN C 182 11.14 -20.95 1.20
C GLN C 182 12.12 -20.14 0.37
N TYR C 183 11.59 -19.26 -0.47
CA TYR C 183 12.40 -18.38 -1.30
C TYR C 183 13.21 -17.43 -0.43
N VAL C 184 12.55 -16.80 0.53
CA VAL C 184 13.18 -15.87 1.46
C VAL C 184 14.22 -16.58 2.30
N ALA C 185 13.92 -17.82 2.66
CA ALA C 185 14.80 -18.61 3.52
C ALA C 185 16.07 -18.98 2.76
N PHE C 186 15.92 -19.11 1.45
CA PHE C 186 17.02 -19.46 0.57
C PHE C 186 17.94 -18.26 0.50
N VAL C 187 17.44 -17.20 -0.11
CA VAL C 187 18.23 -16.00 -0.27
C VAL C 187 18.97 -15.66 1.01
N LYS C 188 18.27 -15.66 2.14
CA LYS C 188 18.87 -15.30 3.42
C LYS C 188 20.10 -16.13 3.80
N THR C 189 19.92 -17.45 3.87
CA THR C 189 20.99 -18.36 4.29
C THR C 189 21.97 -18.77 3.19
N VAL C 190 21.52 -18.83 1.94
CA VAL C 190 22.42 -19.18 0.84
C VAL C 190 23.15 -17.96 0.21
N GLY C 191 22.37 -16.99 -0.29
CA GLY C 191 22.92 -15.77 -0.90
C GLY C 191 23.46 -15.95 -2.31
N HIS C 192 24.71 -15.58 -2.52
CA HIS C 192 25.35 -15.72 -3.83
C HIS C 192 25.24 -17.15 -4.36
N ARG C 193 25.16 -17.29 -5.68
CA ARG C 193 25.16 -18.61 -6.34
C ARG C 193 26.35 -19.50 -5.95
N ASP C 194 27.52 -18.91 -5.78
CA ASP C 194 28.72 -19.67 -5.48
C ASP C 194 28.61 -20.56 -4.24
N ASN C 195 27.76 -20.17 -3.30
CA ASN C 195 27.65 -20.87 -2.03
C ASN C 195 26.78 -22.12 -2.06
N ILE C 196 25.91 -22.22 -3.07
CA ILE C 196 25.11 -23.45 -3.17
C ILE C 196 25.98 -24.68 -3.41
N ASN C 197 25.49 -25.81 -2.94
CA ASN C 197 25.89 -27.13 -3.40
C ASN C 197 24.89 -28.10 -2.82
N GLU C 198 25.09 -29.39 -3.07
CA GLU C 198 24.20 -30.39 -2.47
C GLU C 198 24.07 -30.17 -0.96
N GLU C 199 25.18 -29.98 -0.26
CA GLU C 199 25.15 -29.82 1.19
C GLU C 199 24.05 -28.86 1.69
N VAL C 200 24.23 -27.57 1.44
CA VAL C 200 23.40 -26.54 2.07
C VAL C 200 21.92 -26.65 1.73
N LEU C 201 21.60 -27.29 0.62
CA LEU C 201 20.21 -27.36 0.15
C LEU C 201 19.32 -28.34 0.93
N ARG C 202 19.91 -29.36 1.57
CA ARG C 202 19.14 -30.25 2.44
C ARG C 202 18.90 -29.66 3.82
N GLU C 203 19.93 -29.03 4.39
CA GLU C 203 19.78 -28.34 5.67
C GLU C 203 18.73 -27.24 5.55
N LEU C 204 18.45 -26.84 4.32
CA LEU C 204 17.35 -25.92 4.03
C LEU C 204 16.03 -26.68 4.09
N GLY C 205 16.11 -27.99 3.89
CA GLY C 205 14.95 -28.85 3.98
C GLY C 205 14.00 -28.78 2.80
N LEU C 206 14.55 -28.84 1.60
CA LEU C 206 13.71 -28.92 0.40
C LEU C 206 13.86 -30.29 -0.27
N SER C 207 12.85 -30.70 -1.03
CA SER C 207 12.79 -32.09 -1.49
C SER C 207 13.90 -32.36 -2.51
N GLU C 208 14.01 -33.60 -2.94
CA GLU C 208 15.18 -34.07 -3.68
C GLU C 208 15.13 -33.69 -5.15
N GLU C 209 13.96 -33.76 -5.74
CA GLU C 209 13.77 -33.23 -7.08
C GLU C 209 14.07 -31.73 -7.05
N LYS C 210 13.39 -31.00 -6.18
CA LYS C 210 13.59 -29.56 -6.14
C LYS C 210 15.08 -29.23 -6.10
N ILE C 211 15.87 -29.93 -5.28
CA ILE C 211 17.30 -29.58 -5.13
C ILE C 211 18.16 -29.75 -6.37
N LYS C 212 18.15 -30.93 -6.95
CA LYS C 212 19.02 -31.15 -8.09
C LYS C 212 18.66 -30.21 -9.23
N LYS C 213 17.37 -29.89 -9.38
CA LYS C 213 16.95 -29.04 -10.49
C LYS C 213 17.38 -27.57 -10.34
N ILE C 214 17.19 -27.00 -9.14
CA ILE C 214 17.76 -25.69 -8.81
C ILE C 214 19.28 -25.77 -8.87
N LEU C 215 19.86 -26.83 -8.28
CA LEU C 215 21.30 -27.01 -8.36
C LEU C 215 21.76 -27.07 -9.80
N GLU C 216 20.92 -27.62 -10.67
CA GLU C 216 21.29 -27.64 -12.08
C GLU C 216 21.23 -26.26 -12.72
N ALA C 217 20.07 -25.60 -12.59
CA ALA C 217 19.82 -24.29 -13.22
C ALA C 217 20.88 -23.27 -12.86
N LYS C 218 21.55 -23.50 -11.73
CA LYS C 218 22.59 -22.58 -11.29
C LYS C 218 23.82 -22.58 -12.16
N GLU C 219 24.41 -23.77 -12.25
CA GLU C 219 25.73 -23.94 -12.80
C GLU C 219 25.60 -23.51 -14.24
N LYS C 220 24.36 -23.61 -14.71
CA LYS C 220 23.94 -23.20 -16.06
C LYS C 220 23.16 -21.86 -16.30
N THR C 221 22.98 -20.98 -15.30
CA THR C 221 22.11 -19.78 -15.47
C THR C 221 22.61 -18.61 -16.31
N MET C 222 21.66 -17.83 -16.81
CA MET C 222 21.95 -16.64 -17.63
C MET C 222 21.95 -15.34 -16.81
N GLY C 223 21.87 -15.46 -15.48
CA GLY C 223 21.85 -14.30 -14.58
C GLY C 223 23.10 -13.44 -14.52
N ALA C 224 22.90 -12.15 -14.26
CA ALA C 224 24.01 -11.22 -14.05
C ALA C 224 24.85 -11.59 -12.82
N TRP C 225 26.13 -11.24 -12.83
CA TRP C 225 26.98 -11.51 -11.68
C TRP C 225 26.81 -10.46 -10.60
N MET C 226 26.91 -10.87 -9.34
CA MET C 226 26.84 -9.91 -8.23
C MET C 226 28.15 -9.85 -7.46
N ASP C 227 28.42 -8.69 -6.89
CA ASP C 227 29.58 -8.50 -6.06
C ASP C 227 29.18 -8.94 -4.67
N GLN C 228 30.12 -8.93 -3.74
CA GLN C 228 29.80 -9.25 -2.35
C GLN C 228 28.98 -8.14 -1.70
N THR C 229 29.23 -6.90 -2.11
CA THR C 229 28.49 -5.74 -1.61
C THR C 229 27.07 -5.75 -2.13
N ASP C 230 26.91 -6.28 -3.34
CA ASP C 230 25.65 -6.21 -4.07
C ASP C 230 24.69 -7.26 -3.54
N ILE C 231 25.22 -8.43 -3.22
CA ILE C 231 24.40 -9.51 -2.75
C ILE C 231 24.10 -9.30 -1.28
N GLU C 232 25.00 -8.66 -0.57
CA GLU C 232 24.79 -8.42 0.84
C GLU C 232 23.59 -7.54 1.18
N VAL C 233 23.27 -6.57 0.32
CA VAL C 233 22.15 -5.67 0.57
C VAL C 233 20.79 -6.36 0.33
N VAL C 234 20.74 -7.28 -0.63
CA VAL C 234 19.54 -8.08 -0.88
C VAL C 234 19.39 -9.23 0.13
N ARG C 235 20.49 -9.59 0.76
CA ARG C 235 20.40 -10.58 1.83
C ARG C 235 19.87 -9.92 3.10
N GLN C 236 20.13 -8.64 3.23
CA GLN C 236 19.61 -7.85 4.35
C GLN C 236 18.11 -7.66 4.23
N LEU C 237 17.62 -7.60 3.00
CA LEU C 237 16.20 -7.43 2.72
C LEU C 237 15.49 -8.71 3.13
N ALA C 238 16.02 -9.85 2.66
CA ALA C 238 15.53 -11.16 3.10
C ALA C 238 15.54 -11.29 4.62
N GLU C 239 16.62 -10.87 5.25
CA GLU C 239 16.72 -11.08 6.68
C GLU C 239 15.57 -10.37 7.38
N GLU C 240 15.10 -9.27 6.78
CA GLU C 240 14.05 -8.47 7.40
C GLU C 240 12.65 -9.04 7.18
N ILE C 241 12.43 -9.60 6.01
CA ILE C 241 11.21 -10.29 5.68
C ILE C 241 11.02 -11.49 6.61
N ASP C 242 12.13 -12.13 6.97
CA ASP C 242 12.04 -13.19 7.94
C ASP C 242 11.58 -12.66 9.31
N ARG C 243 12.24 -11.61 9.84
CA ARG C 243 11.80 -11.00 11.10
C ARG C 243 10.30 -10.79 11.06
N LEU C 244 9.80 -10.38 9.89
CA LEU C 244 8.37 -10.07 9.72
C LEU C 244 7.46 -11.28 9.84
N TYR C 245 7.84 -12.39 9.22
CA TYR C 245 7.08 -13.63 9.38
C TYR C 245 6.99 -13.98 10.87
N GLN C 246 8.06 -13.76 11.62
CA GLN C 246 7.99 -14.06 13.03
C GLN C 246 7.03 -13.09 13.72
N LEU C 247 7.12 -11.80 13.40
CA LEU C 247 6.14 -10.83 13.90
C LEU C 247 4.69 -11.25 13.60
N ARG C 248 4.47 -11.70 12.37
CA ARG C 248 3.16 -12.18 11.97
C ARG C 248 2.65 -13.28 12.88
N LYS C 249 3.53 -14.24 13.19
CA LYS C 249 3.21 -15.36 14.09
C LYS C 249 2.96 -14.89 15.53
N LYS C 250 3.79 -13.97 16.01
CA LYS C 250 3.56 -13.37 17.31
C LYS C 250 2.17 -12.75 17.44
N LEU C 251 1.78 -11.93 16.46
CA LEU C 251 0.44 -11.30 16.46
C LEU C 251 -0.67 -12.32 16.50
N GLU C 252 -0.54 -13.33 15.64
CA GLU C 252 -1.51 -14.42 15.51
C GLU C 252 -1.62 -15.25 16.80
N ASP C 253 -0.53 -15.32 17.57
CA ASP C 253 -0.58 -15.92 18.89
C ASP C 253 -1.28 -15.03 19.88
N TYR C 254 -0.98 -13.74 19.85
CA TYR C 254 -1.63 -12.80 20.74
C TYR C 254 -3.14 -12.85 20.57
N ILE C 255 -3.61 -12.74 19.33
CA ILE C 255 -5.05 -12.66 19.07
C ILE C 255 -5.71 -13.91 19.60
N ASP C 256 -5.04 -15.02 19.37
CA ASP C 256 -5.59 -16.30 19.75
C ASP C 256 -5.74 -16.43 21.25
N ARG C 257 -4.73 -16.03 22.01
CA ARG C 257 -4.85 -16.05 23.46
C ARG C 257 -5.75 -14.95 24.00
N ALA C 258 -5.60 -13.72 23.53
CA ALA C 258 -6.48 -12.64 24.00
C ALA C 258 -7.95 -12.95 23.71
N MET C 259 -8.21 -13.65 22.61
CA MET C 259 -9.61 -13.97 22.25
C MET C 259 -10.35 -14.84 23.29
N ASP C 260 -9.58 -15.49 24.17
CA ASP C 260 -10.16 -16.32 25.21
C ASP C 260 -10.62 -15.50 26.39
N ASP C 261 -10.06 -14.30 26.54
CA ASP C 261 -10.45 -13.41 27.63
C ASP C 261 -11.52 -12.41 27.18
N VAL C 262 -11.79 -12.36 25.88
CA VAL C 262 -12.64 -11.31 25.33
C VAL C 262 -13.99 -11.87 24.89
N ALA C 263 -13.96 -12.82 23.97
CA ALA C 263 -15.17 -13.51 23.56
C ALA C 263 -14.93 -15.00 23.28
N PRO C 264 -14.83 -15.81 24.36
CA PRO C 264 -14.65 -17.27 24.27
C PRO C 264 -15.71 -17.98 23.38
N ASN C 265 -16.99 -17.62 23.53
CA ASN C 265 -18.07 -18.16 22.69
C ASN C 265 -17.85 -18.01 21.17
N LEU C 266 -17.46 -16.79 20.78
CA LEU C 266 -17.08 -16.48 19.40
C LEU C 266 -15.90 -17.30 18.90
N LYS C 267 -14.86 -17.39 19.72
CA LYS C 267 -13.77 -18.25 19.37
C LYS C 267 -14.30 -19.67 19.16
N ALA C 268 -14.94 -20.26 20.16
CA ALA C 268 -15.42 -21.66 20.01
C ALA C 268 -16.16 -21.92 18.69
N LEU C 269 -17.14 -21.07 18.37
CA LEU C 269 -17.89 -21.18 17.10
C LEU C 269 -17.04 -21.05 15.84
N VAL C 270 -16.51 -19.84 15.61
CA VAL C 270 -15.87 -19.53 14.34
C VAL C 270 -14.35 -19.53 14.25
N GLY C 271 -13.66 -19.76 15.36
CA GLY C 271 -12.21 -19.66 15.35
C GLY C 271 -11.76 -18.33 15.91
N ALA C 272 -10.50 -18.25 16.33
CA ALA C 272 -10.02 -17.04 16.96
C ALA C 272 -9.92 -15.88 15.98
N LYS C 273 -9.30 -16.14 14.83
CA LYS C 273 -9.10 -15.12 13.80
C LYS C 273 -10.42 -14.54 13.28
N LEU C 274 -11.29 -15.40 12.78
CA LEU C 274 -12.59 -14.94 12.31
C LEU C 274 -13.36 -14.16 13.39
N ALA C 275 -13.33 -14.60 14.64
CA ALA C 275 -14.06 -13.80 15.63
C ALA C 275 -13.48 -12.41 15.78
N ALA C 276 -12.18 -12.28 15.56
CA ALA C 276 -11.56 -10.96 15.68
C ALA C 276 -11.99 -10.02 14.55
N ARG C 277 -12.14 -10.56 13.33
CA ARG C 277 -12.57 -9.73 12.21
C ARG C 277 -13.97 -9.23 12.43
N LEU C 278 -14.81 -10.09 12.99
CA LEU C 278 -16.15 -9.69 13.36
C LEU C 278 -16.16 -8.55 14.38
N ILE C 279 -15.41 -8.71 15.46
CA ILE C 279 -15.32 -7.64 16.44
C ILE C 279 -14.83 -6.37 15.75
N SER C 280 -13.80 -6.56 14.93
CA SER C 280 -13.14 -5.51 14.17
C SER C 280 -14.10 -4.79 13.22
N LEU C 281 -14.79 -5.53 12.35
CA LEU C 281 -15.78 -4.92 11.47
C LEU C 281 -16.88 -4.15 12.23
N ALA C 282 -17.31 -4.67 13.38
CA ALA C 282 -18.41 -4.04 14.09
C ALA C 282 -17.95 -2.81 14.86
N GLY C 283 -16.66 -2.69 15.11
CA GLY C 283 -16.15 -1.58 15.90
C GLY C 283 -15.89 -1.87 17.37
N GLY C 284 -16.26 -3.07 17.83
CA GLY C 284 -16.02 -3.48 19.21
C GLY C 284 -17.01 -4.56 19.62
N LEU C 285 -16.77 -5.13 20.80
CA LEU C 285 -17.58 -6.24 21.30
C LEU C 285 -19.00 -5.78 21.62
N ARG C 286 -19.11 -4.57 22.15
CA ARG C 286 -20.40 -4.06 22.54
C ARG C 286 -21.19 -3.79 21.27
N GLU C 287 -20.51 -3.26 20.26
CA GLU C 287 -21.16 -2.90 19.02
C GLU C 287 -21.63 -4.13 18.29
N LEU C 288 -20.83 -5.19 18.39
CA LEU C 288 -21.25 -6.49 17.90
C LEU C 288 -22.44 -7.06 18.71
N ALA C 289 -22.35 -6.97 20.03
CA ALA C 289 -23.36 -7.53 20.89
C ALA C 289 -24.73 -6.85 20.69
N MET C 290 -24.77 -5.69 20.05
CA MET C 290 -26.01 -4.94 19.84
C MET C 290 -26.68 -5.22 18.50
N MET C 291 -25.96 -5.86 17.59
CA MET C 291 -26.48 -5.99 16.24
C MET C 291 -27.45 -7.12 16.09
N PRO C 292 -28.48 -6.88 15.30
CA PRO C 292 -29.28 -8.00 14.84
C PRO C 292 -28.41 -8.98 14.05
N SER C 293 -28.75 -10.26 14.11
CA SER C 293 -28.04 -11.28 13.37
C SER C 293 -27.86 -10.90 11.91
N SER C 294 -28.88 -10.29 11.33
CA SER C 294 -28.88 -9.95 9.90
C SER C 294 -27.76 -8.94 9.56
N THR C 295 -27.37 -8.12 10.51
CA THR C 295 -26.24 -7.28 10.24
C THR C 295 -24.99 -8.15 10.30
N ILE C 296 -24.89 -9.00 11.31
CA ILE C 296 -23.70 -9.84 11.48
C ILE C 296 -23.43 -10.72 10.25
N GLN C 297 -24.49 -11.18 9.61
CA GLN C 297 -24.36 -12.10 8.49
C GLN C 297 -23.63 -11.41 7.35
N VAL C 298 -23.85 -10.10 7.21
CA VAL C 298 -23.20 -9.33 6.15
C VAL C 298 -21.97 -8.47 6.51
N LEU C 299 -21.52 -8.52 7.76
CA LEU C 299 -20.32 -7.78 8.12
C LEU C 299 -19.19 -8.10 7.14
N GLY C 300 -18.50 -7.07 6.64
CA GLY C 300 -17.40 -7.25 5.69
C GLY C 300 -17.77 -7.32 4.21
N ALA C 301 -19.07 -7.29 3.95
CA ALA C 301 -19.64 -7.08 2.62
C ALA C 301 -20.11 -5.63 2.41
N GLU C 302 -19.65 -4.70 3.25
CA GLU C 302 -20.23 -3.36 3.30
C GLU C 302 -20.55 -2.80 1.91
N LYS C 303 -19.59 -2.86 0.99
CA LYS C 303 -19.82 -2.41 -0.39
C LYS C 303 -21.13 -2.99 -0.95
N ALA C 304 -21.19 -4.32 -1.10
CA ALA C 304 -22.41 -5.02 -1.55
C ALA C 304 -23.70 -4.59 -0.83
N LEU C 305 -23.65 -4.53 0.50
CA LEU C 305 -24.78 -4.10 1.28
C LEU C 305 -25.25 -2.71 0.89
N PHE C 306 -24.33 -1.74 0.89
CA PHE C 306 -24.72 -0.37 0.57
C PHE C 306 -25.17 -0.21 -0.89
N ARG C 307 -24.58 -1.00 -1.78
CA ARG C 307 -25.05 -1.06 -3.15
C ARG C 307 -26.53 -1.46 -3.16
N HIS C 308 -26.86 -2.63 -2.60
CA HIS C 308 -28.23 -3.10 -2.47
C HIS C 308 -29.16 -2.05 -1.88
N LEU C 309 -28.74 -1.49 -0.75
CA LEU C 309 -29.56 -0.57 0.04
C LEU C 309 -30.00 0.68 -0.70
N ARG C 310 -29.20 1.10 -1.69
CA ARG C 310 -29.47 2.28 -2.50
C ARG C 310 -30.28 1.95 -3.75
N THR C 311 -29.69 1.11 -4.59
CA THR C 311 -30.27 0.74 -5.88
C THR C 311 -31.12 -0.55 -5.92
N GLY C 312 -31.42 -1.14 -4.77
CA GLY C 312 -32.27 -2.32 -4.70
C GLY C 312 -31.67 -3.53 -5.40
N ALA C 313 -30.35 -3.53 -5.54
CA ALA C 313 -29.64 -4.67 -6.12
C ALA C 313 -29.68 -5.87 -5.17
N LYS C 314 -29.53 -7.07 -5.70
CA LYS C 314 -29.55 -8.28 -4.86
C LYS C 314 -28.44 -8.25 -3.79
N PRO C 315 -28.81 -8.46 -2.51
CA PRO C 315 -27.97 -8.35 -1.31
C PRO C 315 -26.92 -9.45 -1.19
N PRO C 316 -25.81 -9.18 -0.49
CA PRO C 316 -24.84 -10.24 -0.31
C PRO C 316 -25.43 -11.22 0.67
N LYS C 317 -25.12 -12.50 0.49
CA LYS C 317 -25.52 -13.51 1.43
C LYS C 317 -24.54 -13.63 2.60
N HIS C 318 -23.31 -13.18 2.42
CA HIS C 318 -22.26 -13.34 3.42
C HIS C 318 -21.16 -12.30 3.28
N GLY C 319 -20.60 -11.92 4.43
CA GLY C 319 -19.40 -11.11 4.55
C GLY C 319 -18.24 -12.03 4.90
N VAL C 320 -17.40 -11.57 5.83
CA VAL C 320 -16.31 -12.38 6.36
C VAL C 320 -16.71 -13.80 6.78
N ILE C 321 -17.97 -14.03 7.13
CA ILE C 321 -18.34 -15.35 7.64
C ILE C 321 -18.25 -16.43 6.53
N TYR C 322 -18.08 -15.97 5.31
CA TYR C 322 -17.76 -16.87 4.23
C TYR C 322 -16.54 -17.73 4.58
N GLN C 323 -15.58 -17.21 5.33
CA GLN C 323 -14.36 -17.97 5.63
C GLN C 323 -14.76 -19.27 6.32
N TYR C 324 -15.75 -19.18 7.17
CA TYR C 324 -16.16 -20.31 7.99
C TYR C 324 -16.27 -21.56 7.12
N PRO C 325 -15.60 -22.65 7.52
CA PRO C 325 -15.43 -23.73 6.53
C PRO C 325 -16.75 -24.23 5.98
N ALA C 326 -17.71 -24.51 6.85
CA ALA C 326 -19.00 -25.04 6.43
C ALA C 326 -19.69 -24.17 5.35
N ILE C 327 -19.43 -22.87 5.36
CA ILE C 327 -19.91 -22.01 4.29
C ILE C 327 -19.03 -22.05 3.05
N ASN C 328 -17.78 -21.62 3.19
CA ASN C 328 -16.90 -21.42 2.04
C ASN C 328 -16.80 -22.62 1.11
N ARG C 329 -16.80 -23.82 1.70
CA ARG C 329 -16.94 -25.01 0.89
C ARG C 329 -18.22 -25.75 1.24
N SER C 330 -19.27 -25.46 0.49
CA SER C 330 -20.56 -26.15 0.49
C SER C 330 -21.19 -25.90 -0.86
N PRO C 331 -22.17 -26.73 -1.24
CA PRO C 331 -22.86 -26.44 -2.50
C PRO C 331 -23.24 -24.97 -2.52
N TRP C 332 -23.00 -24.27 -3.61
CA TRP C 332 -23.31 -22.85 -3.64
C TRP C 332 -24.77 -22.62 -3.31
N TRP C 333 -25.61 -23.62 -3.55
CA TRP C 333 -27.06 -23.48 -3.37
C TRP C 333 -27.56 -23.58 -1.92
N GLN C 334 -26.75 -24.12 -1.02
CA GLN C 334 -27.04 -24.02 0.42
C GLN C 334 -26.23 -22.99 1.24
N ARG C 335 -25.38 -22.21 0.58
CA ARG C 335 -24.52 -21.28 1.28
C ARG C 335 -25.29 -20.15 1.97
N GLY C 336 -26.35 -19.69 1.33
CA GLY C 336 -27.15 -18.62 1.90
C GLY C 336 -27.81 -18.97 3.22
N LYS C 337 -28.42 -20.15 3.29
CA LYS C 337 -29.14 -20.61 4.48
C LYS C 337 -28.22 -20.95 5.65
N ILE C 338 -27.04 -21.45 5.33
CA ILE C 338 -26.04 -21.70 6.36
C ILE C 338 -25.57 -20.37 6.92
N ALA C 339 -25.28 -19.39 6.07
CA ALA C 339 -24.86 -18.08 6.55
C ALA C 339 -25.92 -17.56 7.53
N ARG C 340 -27.19 -17.60 7.10
CA ARG C 340 -28.27 -17.13 7.94
C ARG C 340 -28.29 -17.83 9.30
N ALA C 341 -27.98 -19.12 9.34
CA ALA C 341 -28.01 -19.91 10.58
C ALA C 341 -26.87 -19.58 11.54
N LEU C 342 -25.67 -19.56 10.97
CA LEU C 342 -24.45 -19.16 11.64
C LEU C 342 -24.53 -17.74 12.23
N ALA C 343 -25.08 -16.79 11.46
CA ALA C 343 -25.17 -15.42 11.95
C ALA C 343 -26.07 -15.37 13.19
N GLY C 344 -27.17 -16.11 13.16
CA GLY C 344 -28.07 -16.14 14.31
C GLY C 344 -27.35 -16.60 15.56
N LYS C 345 -26.50 -17.61 15.42
CA LYS C 345 -25.77 -18.17 16.56
C LYS C 345 -24.66 -17.23 17.02
N LEU C 346 -24.03 -16.56 16.05
CA LEU C 346 -22.99 -15.56 16.32
C LEU C 346 -23.49 -14.35 17.09
N ALA C 347 -24.73 -13.94 16.82
CA ALA C 347 -25.38 -12.87 17.58
C ALA C 347 -25.60 -13.25 19.05
N ILE C 348 -26.10 -14.46 19.28
CA ILE C 348 -26.29 -14.97 20.65
C ILE C 348 -24.97 -15.17 21.40
N ALA C 349 -23.95 -15.69 20.73
CA ALA C 349 -22.64 -15.88 21.34
C ALA C 349 -22.03 -14.53 21.73
N ALA C 350 -22.25 -13.52 20.91
CA ALA C 350 -21.69 -12.20 21.17
C ALA C 350 -22.35 -11.49 22.35
N ARG C 351 -23.67 -11.64 22.48
CA ARG C 351 -24.40 -11.07 23.61
C ARG C 351 -23.98 -11.75 24.92
N VAL C 352 -23.79 -13.05 24.88
CA VAL C 352 -23.35 -13.75 26.07
C VAL C 352 -21.93 -13.35 26.48
N ASP C 353 -21.01 -13.32 25.52
CA ASP C 353 -19.63 -12.92 25.78
C ASP C 353 -19.58 -11.54 26.43
N TYR C 354 -20.41 -10.63 25.93
CA TYR C 354 -20.34 -9.26 26.39
C TYR C 354 -21.02 -9.05 27.75
N PHE C 355 -22.25 -9.54 27.88
CA PHE C 355 -23.10 -9.31 29.06
C PHE C 355 -22.98 -10.33 30.21
N SER C 356 -22.28 -11.44 29.99
CA SER C 356 -22.08 -12.40 31.07
C SER C 356 -20.63 -12.83 31.24
N GLY C 357 -20.18 -13.64 30.29
CA GLY C 357 -18.94 -14.38 30.42
C GLY C 357 -19.31 -15.84 30.66
N GLU C 358 -20.61 -16.10 30.67
CA GLU C 358 -21.17 -17.44 30.73
C GLU C 358 -20.64 -18.21 29.50
N TYR C 359 -20.38 -19.52 29.61
CA TYR C 359 -19.91 -20.24 28.42
C TYR C 359 -20.95 -21.22 27.90
N ILE C 360 -21.62 -20.83 26.82
CA ILE C 360 -22.57 -21.68 26.12
C ILE C 360 -22.13 -22.27 24.78
N ALA C 361 -20.88 -22.06 24.39
CA ALA C 361 -20.47 -22.40 23.03
C ALA C 361 -20.73 -23.85 22.61
N GLU C 362 -20.77 -24.78 23.56
CA GLU C 362 -20.92 -26.20 23.21
C GLU C 362 -22.32 -26.56 22.68
N GLU C 363 -23.34 -26.08 23.39
CA GLU C 363 -24.72 -26.15 22.94
C GLU C 363 -24.84 -25.51 21.57
N LEU C 364 -24.35 -24.28 21.50
CA LEU C 364 -24.40 -23.49 20.29
C LEU C 364 -23.83 -24.24 19.08
N LYS C 365 -22.60 -24.73 19.19
CA LYS C 365 -21.96 -25.47 18.09
C LYS C 365 -22.77 -26.71 17.69
N LYS C 366 -23.26 -27.44 18.69
CA LYS C 366 -24.01 -28.66 18.46
C LYS C 366 -25.36 -28.33 17.78
N GLU C 367 -26.03 -27.31 18.29
CA GLU C 367 -27.29 -26.85 17.74
C GLU C 367 -27.11 -26.29 16.33
N LEU C 368 -25.92 -25.76 16.08
CA LEU C 368 -25.55 -25.30 14.75
C LEU C 368 -25.22 -26.51 13.85
N GLU C 369 -24.42 -27.44 14.38
CA GLU C 369 -24.09 -28.66 13.65
C GLU C 369 -25.37 -29.30 13.20
N ALA C 370 -26.32 -29.40 14.12
CA ALA C 370 -27.64 -29.94 13.85
C ALA C 370 -28.30 -29.27 12.65
N ARG C 371 -28.43 -27.95 12.72
CA ARG C 371 -29.11 -27.20 11.68
C ARG C 371 -28.41 -27.28 10.33
N ILE C 372 -27.08 -27.32 10.32
CA ILE C 372 -26.38 -27.50 9.05
C ILE C 372 -26.67 -28.88 8.41
N ARG C 373 -26.55 -29.95 9.17
CA ARG C 373 -26.79 -31.28 8.60
C ARG C 373 -28.24 -31.39 8.16
N GLU C 374 -29.12 -30.75 8.90
CA GLU C 374 -30.49 -30.66 8.44
C GLU C 374 -30.64 -29.92 7.10
N ILE C 375 -29.89 -28.84 6.90
CA ILE C 375 -29.92 -28.16 5.61
C ILE C 375 -29.34 -29.10 4.58
N LYS C 376 -28.15 -29.62 4.88
CA LYS C 376 -27.43 -30.51 3.98
C LYS C 376 -28.41 -31.53 3.44
N GLU C 377 -29.25 -32.00 4.36
CA GLU C 377 -30.24 -33.00 4.07
C GLU C 377 -31.01 -32.74 2.81
N LYS C 378 -31.82 -31.68 2.82
CA LYS C 378 -32.80 -31.55 1.77
C LYS C 378 -32.39 -30.59 0.69
N TYR C 379 -31.64 -31.11 -0.29
CA TYR C 379 -31.11 -30.36 -1.45
C TYR C 379 -30.31 -31.25 -2.43
N LYS D 9 -36.27 -13.36 39.22
CA LYS D 9 -36.35 -12.51 38.03
C LYS D 9 -34.95 -12.12 37.54
N PRO D 10 -34.55 -12.68 36.39
CA PRO D 10 -33.19 -12.51 35.83
C PRO D 10 -32.75 -11.05 35.80
N SER D 11 -31.44 -10.83 35.97
CA SER D 11 -30.85 -9.50 36.15
C SER D 11 -31.28 -8.48 35.10
N TYR D 12 -31.50 -8.94 33.87
CA TYR D 12 -31.91 -8.06 32.77
C TYR D 12 -33.32 -7.49 32.98
N VAL D 13 -34.06 -7.98 33.98
CA VAL D 13 -35.35 -7.38 34.34
C VAL D 13 -35.08 -6.32 35.39
N LYS D 14 -35.19 -5.06 34.97
CA LYS D 14 -34.65 -3.94 35.72
C LYS D 14 -35.66 -3.38 36.70
N PHE D 15 -36.91 -3.77 36.55
CA PHE D 15 -37.95 -3.34 37.46
C PHE D 15 -39.14 -4.31 37.45
N GLU D 16 -39.96 -4.22 38.48
CA GLU D 16 -41.05 -5.16 38.68
C GLU D 16 -42.33 -4.66 38.02
N VAL D 17 -42.89 -5.48 37.15
CA VAL D 17 -44.09 -5.12 36.39
C VAL D 17 -45.36 -5.74 36.98
N PRO D 18 -46.25 -4.89 37.53
CA PRO D 18 -47.50 -5.33 38.15
C PRO D 18 -48.24 -6.32 37.26
N LYS D 19 -48.80 -7.36 37.86
CA LYS D 19 -49.46 -8.41 37.11
C LYS D 19 -50.46 -7.79 36.16
N GLU D 20 -50.87 -6.57 36.48
CA GLU D 20 -51.83 -5.86 35.65
C GLU D 20 -51.22 -5.30 34.36
N LEU D 21 -50.24 -4.42 34.50
CA LEU D 21 -49.57 -3.80 33.36
C LEU D 21 -49.22 -4.83 32.30
N ALA D 22 -48.65 -5.95 32.74
CA ALA D 22 -48.32 -7.04 31.85
C ALA D 22 -49.51 -7.42 30.96
N GLU D 23 -50.70 -7.45 31.55
CA GLU D 23 -51.89 -7.92 30.85
C GLU D 23 -52.38 -6.96 29.76
N LYS D 24 -52.19 -5.67 29.99
CA LYS D 24 -52.55 -4.68 28.97
C LYS D 24 -51.54 -4.74 27.82
N ALA D 25 -50.25 -4.81 28.18
CA ALA D 25 -49.18 -4.98 27.21
C ALA D 25 -49.56 -6.05 26.21
N LEU D 26 -49.74 -7.27 26.67
CA LEU D 26 -50.10 -8.35 25.76
C LEU D 26 -51.30 -8.02 24.86
N GLN D 27 -52.29 -7.29 25.37
CA GLN D 27 -53.44 -6.97 24.50
C GLN D 27 -53.26 -5.69 23.66
N ALA D 28 -52.32 -4.84 24.06
CA ALA D 28 -51.86 -3.75 23.21
C ALA D 28 -51.22 -4.38 21.98
N VAL D 29 -50.45 -5.45 22.22
CA VAL D 29 -49.82 -6.20 21.16
C VAL D 29 -50.87 -6.86 20.25
N GLU D 30 -51.92 -7.41 20.86
CA GLU D 30 -52.97 -8.14 20.12
C GLU D 30 -53.78 -7.27 19.15
N ILE D 31 -54.20 -6.08 19.60
CA ILE D 31 -55.00 -5.22 18.73
C ILE D 31 -54.11 -4.39 17.79
N ALA D 32 -52.86 -4.21 18.19
CA ALA D 32 -51.88 -3.56 17.34
C ALA D 32 -51.58 -4.47 16.17
N ARG D 33 -51.79 -5.77 16.37
CA ARG D 33 -51.55 -6.76 15.32
C ARG D 33 -52.62 -6.73 14.24
N ASP D 34 -53.87 -6.66 14.66
CA ASP D 34 -55.00 -6.65 13.74
C ASP D 34 -55.25 -5.27 13.09
N THR D 35 -55.26 -4.24 13.93
CA THR D 35 -55.59 -2.85 13.55
C THR D 35 -54.41 -1.89 13.32
N GLY D 36 -53.19 -2.41 13.25
CA GLY D 36 -51.97 -1.63 13.38
C GLY D 36 -50.79 -2.39 12.79
N LYS D 37 -49.57 -2.06 13.22
CA LYS D 37 -48.41 -2.83 12.76
C LYS D 37 -47.42 -3.23 13.88
N ILE D 38 -46.97 -4.49 13.86
CA ILE D 38 -45.91 -4.96 14.77
C ILE D 38 -44.81 -5.80 14.12
N ARG D 39 -43.67 -5.84 14.80
CA ARG D 39 -42.53 -6.63 14.39
C ARG D 39 -42.28 -7.64 15.48
N LYS D 40 -42.40 -8.93 15.15
CA LYS D 40 -42.23 -9.98 16.15
C LYS D 40 -40.82 -10.56 16.11
N GLY D 41 -40.22 -10.73 17.27
CA GLY D 41 -38.93 -11.36 17.36
C GLY D 41 -37.80 -10.38 17.57
N THR D 42 -36.82 -10.85 18.33
CA THR D 42 -35.69 -10.08 18.80
C THR D 42 -34.84 -9.37 17.73
N ASN D 43 -34.64 -10.00 16.59
CA ASN D 43 -33.85 -9.33 15.59
C ASN D 43 -34.61 -8.20 14.97
N GLU D 44 -35.83 -8.48 14.53
CA GLU D 44 -36.65 -7.43 13.98
C GLU D 44 -36.93 -6.32 15.02
N THR D 45 -37.10 -6.70 16.27
CA THR D 45 -37.34 -5.72 17.31
C THR D 45 -36.15 -4.83 17.44
N THR D 46 -34.96 -5.42 17.53
CA THR D 46 -33.73 -4.65 17.62
C THR D 46 -33.61 -3.66 16.45
N LYS D 47 -33.77 -4.17 15.23
CA LYS D 47 -33.80 -3.35 14.03
C LYS D 47 -34.73 -2.13 14.21
N ALA D 48 -35.93 -2.36 14.71
CA ALA D 48 -36.93 -1.32 14.95
C ALA D 48 -36.48 -0.23 15.94
N VAL D 49 -35.84 -0.62 17.03
CA VAL D 49 -35.32 0.34 18.00
C VAL D 49 -34.22 1.26 17.45
N GLU D 50 -33.31 0.71 16.65
CA GLU D 50 -32.23 1.50 16.06
C GLU D 50 -32.74 2.45 14.99
N ARG D 51 -33.89 2.14 14.43
CA ARG D 51 -34.48 2.99 13.42
C ARG D 51 -35.49 3.95 14.04
N GLY D 52 -35.59 3.92 15.36
CA GLY D 52 -36.52 4.77 16.09
C GLY D 52 -37.97 4.62 15.64
N GLN D 53 -38.29 3.45 15.08
CA GLN D 53 -39.62 3.11 14.58
C GLN D 53 -40.45 2.40 15.65
N ALA D 54 -39.92 2.33 16.86
CA ALA D 54 -40.59 1.58 17.92
C ALA D 54 -41.31 2.48 18.92
N LYS D 55 -42.62 2.27 19.07
CA LYS D 55 -43.37 2.99 20.09
C LYS D 55 -43.19 2.32 21.45
N LEU D 56 -43.16 1.00 21.41
CA LEU D 56 -42.96 0.24 22.63
C LEU D 56 -42.36 -1.11 22.27
N VAL D 57 -41.53 -1.61 23.17
CA VAL D 57 -41.03 -2.96 23.02
C VAL D 57 -41.37 -3.82 24.23
N ILE D 58 -42.01 -4.95 23.97
CA ILE D 58 -42.30 -5.92 25.00
C ILE D 58 -41.19 -6.98 25.06
N ILE D 59 -40.63 -7.16 26.25
CA ILE D 59 -39.64 -8.18 26.48
C ILE D 59 -40.23 -9.27 27.38
N ALA D 60 -40.26 -10.50 26.88
CA ALA D 60 -40.66 -11.65 27.68
C ALA D 60 -39.66 -11.81 28.84
N GLU D 61 -40.08 -12.36 29.98
CA GLU D 61 -39.11 -12.57 31.06
C GLU D 61 -38.53 -13.97 31.31
N ASP D 62 -38.92 -14.97 30.49
CA ASP D 62 -38.35 -16.35 30.54
C ASP D 62 -37.23 -16.78 29.55
N VAL D 63 -36.63 -15.81 28.86
CA VAL D 63 -35.60 -16.07 27.85
C VAL D 63 -34.35 -16.87 28.29
N ASP D 64 -33.98 -17.85 27.47
CA ASP D 64 -32.94 -18.83 27.76
C ASP D 64 -32.02 -19.16 26.56
N PRO D 65 -30.81 -18.59 26.52
CA PRO D 65 -30.09 -17.81 27.54
C PRO D 65 -30.64 -16.41 27.70
N GLU D 66 -30.71 -15.90 28.92
CA GLU D 66 -31.32 -14.59 29.17
C GLU D 66 -30.57 -13.45 28.48
N GLU D 67 -29.35 -13.70 28.02
CA GLU D 67 -28.53 -12.62 27.46
C GLU D 67 -29.02 -12.20 26.08
N ILE D 68 -29.83 -13.06 25.47
CA ILE D 68 -30.41 -12.79 24.15
C ILE D 68 -31.18 -11.45 24.03
N VAL D 69 -31.93 -11.10 25.05
CA VAL D 69 -32.65 -9.83 25.12
C VAL D 69 -31.93 -8.78 25.98
N ALA D 70 -30.71 -9.07 26.39
CA ALA D 70 -29.98 -8.22 27.31
C ALA D 70 -29.45 -6.91 26.70
N HIS D 71 -29.53 -6.78 25.39
CA HIS D 71 -29.09 -5.56 24.71
C HIS D 71 -30.26 -4.59 24.50
N LEU D 72 -31.48 -5.04 24.75
CA LEU D 72 -32.64 -4.19 24.51
C LEU D 72 -32.76 -3.02 25.49
N PRO D 73 -32.65 -3.29 26.80
CA PRO D 73 -32.81 -2.18 27.76
C PRO D 73 -31.86 -0.98 27.51
N PRO D 74 -30.55 -1.20 27.33
CA PRO D 74 -29.74 0.00 27.12
C PRO D 74 -30.03 0.68 25.76
N LEU D 75 -30.15 -0.14 24.72
CA LEU D 75 -30.48 0.32 23.38
C LEU D 75 -31.79 1.10 23.35
N CYS D 76 -32.69 0.77 24.27
CA CYS D 76 -33.97 1.47 24.41
C CYS D 76 -33.83 2.77 25.17
N GLU D 77 -32.92 2.79 26.14
CA GLU D 77 -32.64 4.01 26.89
C GLU D 77 -31.97 5.03 25.98
N GLU D 78 -31.23 4.57 24.99
CA GLU D 78 -30.48 5.47 24.11
C GLU D 78 -31.36 6.17 23.06
N LYS D 79 -32.39 5.46 22.60
CA LYS D 79 -33.33 6.00 21.62
C LYS D 79 -34.57 6.52 22.32
N GLU D 80 -34.53 6.45 23.65
CA GLU D 80 -35.65 6.83 24.54
C GLU D 80 -37.02 6.21 24.19
N ILE D 81 -37.03 4.92 23.92
CA ILE D 81 -38.23 4.15 23.67
C ILE D 81 -38.66 3.43 24.97
N PRO D 82 -39.96 3.47 25.30
CA PRO D 82 -40.45 2.75 26.48
C PRO D 82 -40.48 1.23 26.27
N TYR D 83 -40.14 0.48 27.31
CA TYR D 83 -40.15 -0.97 27.22
C TYR D 83 -40.70 -1.63 28.47
N ILE D 84 -41.48 -2.69 28.28
CA ILE D 84 -42.18 -3.36 29.34
C ILE D 84 -41.94 -4.88 29.30
N TYR D 85 -41.96 -5.53 30.46
CA TYR D 85 -41.85 -6.97 30.53
C TYR D 85 -43.18 -7.69 30.63
N VAL D 86 -43.28 -8.82 29.97
CA VAL D 86 -44.37 -9.74 30.20
C VAL D 86 -43.80 -11.09 30.67
N PRO D 87 -44.62 -11.89 31.36
CA PRO D 87 -44.08 -13.07 32.04
C PRO D 87 -43.64 -14.18 31.10
N SER D 88 -44.37 -14.40 30.02
CA SER D 88 -44.19 -15.61 29.22
C SER D 88 -43.82 -15.34 27.76
N LYS D 89 -42.77 -15.99 27.28
CA LYS D 89 -42.40 -15.86 25.88
C LYS D 89 -43.32 -16.59 24.91
N LYS D 90 -44.07 -17.57 25.40
CA LYS D 90 -45.06 -18.26 24.56
C LYS D 90 -46.34 -17.44 24.43
N GLU D 91 -46.69 -16.77 25.52
CA GLU D 91 -47.89 -15.94 25.54
C GLU D 91 -47.68 -14.79 24.59
N LEU D 92 -46.54 -14.12 24.76
CA LEU D 92 -46.12 -13.03 23.88
C LEU D 92 -46.27 -13.41 22.41
N GLY D 93 -45.81 -14.62 22.07
CA GLY D 93 -45.89 -15.11 20.71
C GLY D 93 -47.29 -15.28 20.16
N ALA D 94 -48.20 -15.84 20.95
CA ALA D 94 -49.60 -15.98 20.51
C ALA D 94 -50.29 -14.62 20.41
N ALA D 95 -49.93 -13.70 21.30
CA ALA D 95 -50.41 -12.31 21.25
C ALA D 95 -50.07 -11.64 19.93
N ALA D 96 -48.94 -12.02 19.35
CA ALA D 96 -48.48 -11.43 18.10
C ALA D 96 -48.96 -12.21 16.89
N GLY D 97 -49.72 -13.27 17.11
CA GLY D 97 -50.27 -14.04 16.01
C GLY D 97 -49.36 -15.08 15.41
N ILE D 98 -48.50 -15.68 16.23
CA ILE D 98 -47.68 -16.77 15.74
C ILE D 98 -47.77 -18.07 16.58
N GLU D 99 -47.69 -19.19 15.88
CA GLU D 99 -47.70 -20.52 16.47
C GLU D 99 -46.63 -20.72 17.56
N VAL D 100 -45.45 -20.15 17.35
CA VAL D 100 -44.34 -20.32 18.30
C VAL D 100 -44.25 -19.18 19.33
N ALA D 101 -43.19 -19.17 20.14
CA ALA D 101 -42.99 -18.11 21.12
C ALA D 101 -42.18 -16.90 20.56
N ALA D 102 -42.08 -15.83 21.35
CA ALA D 102 -41.36 -14.64 20.90
C ALA D 102 -40.68 -13.94 22.07
N ALA D 103 -39.35 -13.81 22.03
CA ALA D 103 -38.61 -13.27 23.17
C ALA D 103 -38.75 -11.76 23.31
N SER D 104 -39.15 -11.11 22.21
CA SER D 104 -39.50 -9.68 22.23
C SER D 104 -40.37 -9.28 21.04
N VAL D 105 -41.08 -8.19 21.21
CA VAL D 105 -41.90 -7.64 20.15
C VAL D 105 -41.74 -6.13 20.18
N ALA D 106 -41.96 -5.48 19.04
CA ALA D 106 -42.04 -4.03 19.05
C ALA D 106 -43.29 -3.62 18.31
N ILE D 107 -43.98 -2.61 18.85
CA ILE D 107 -45.08 -2.01 18.10
C ILE D 107 -44.55 -0.86 17.25
N ILE D 108 -44.89 -0.91 15.97
CA ILE D 108 -44.45 0.12 15.06
C ILE D 108 -45.47 1.23 15.14
N GLU D 109 -46.65 0.97 14.57
CA GLU D 109 -47.79 1.88 14.67
C GLU D 109 -48.94 1.25 15.45
N PRO D 110 -49.29 1.87 16.59
CA PRO D 110 -50.22 1.37 17.63
C PRO D 110 -51.62 1.10 17.09
N GLY D 111 -51.95 1.61 15.91
CA GLY D 111 -53.28 1.46 15.35
C GLY D 111 -54.32 1.88 16.36
N LYS D 112 -55.34 1.05 16.53
CA LYS D 112 -56.44 1.36 17.44
C LYS D 112 -56.07 1.32 18.92
N ALA D 113 -54.80 1.05 19.19
CA ALA D 113 -54.31 0.93 20.56
C ALA D 113 -53.62 2.15 21.17
N ARG D 114 -53.52 3.27 20.46
CA ARG D 114 -52.63 4.35 20.93
C ARG D 114 -52.87 4.76 22.38
N ASP D 115 -54.13 4.69 22.80
CA ASP D 115 -54.52 4.94 24.19
C ASP D 115 -53.72 4.08 25.16
N LEU D 116 -53.86 2.77 25.02
CA LEU D 116 -53.12 1.79 25.80
C LEU D 116 -51.62 2.03 25.82
N VAL D 117 -51.04 2.24 24.64
CA VAL D 117 -49.61 2.51 24.52
C VAL D 117 -49.23 3.67 25.41
N GLU D 118 -50.00 4.75 25.33
CA GLU D 118 -49.69 5.96 26.08
C GLU D 118 -49.63 5.68 27.59
N GLU D 119 -50.62 4.94 28.11
CA GLU D 119 -50.72 4.72 29.54
C GLU D 119 -49.75 3.67 30.06
N ILE D 120 -49.37 2.74 29.21
CA ILE D 120 -48.33 1.80 29.60
C ILE D 120 -47.08 2.63 29.87
N ALA D 121 -46.78 3.56 28.96
CA ALA D 121 -45.56 4.37 29.06
C ALA D 121 -45.56 5.36 30.22
N MET D 122 -46.73 5.84 30.62
CA MET D 122 -46.80 6.74 31.77
C MET D 122 -46.54 5.96 33.06
N LYS D 123 -47.25 4.83 33.20
CA LYS D 123 -47.09 3.96 34.37
C LYS D 123 -45.71 3.32 34.38
N VAL D 124 -45.09 3.30 33.22
CA VAL D 124 -43.71 2.83 33.12
C VAL D 124 -42.74 3.92 33.55
N LYS D 125 -43.06 5.17 33.19
CA LYS D 125 -42.13 6.27 33.43
C LYS D 125 -41.69 6.35 34.89
N GLU D 126 -42.56 5.88 35.78
CA GLU D 126 -42.30 5.85 37.23
C GLU D 126 -41.36 4.71 37.66
N LEU D 127 -41.77 3.47 37.37
CA LEU D 127 -41.02 2.29 37.82
C LEU D 127 -39.53 2.44 37.56
N MET D 128 -39.19 2.99 36.40
CA MET D 128 -37.81 3.35 36.08
C MET D 128 -37.24 4.31 37.12
N LYS D 129 -37.78 5.53 37.17
CA LYS D 129 -37.38 6.55 38.14
C LYS D 129 -37.91 6.26 39.55
#